data_8PIY
#
_entry.id   8PIY
#
loop_
_entity.id
_entity.type
_entity.pdbx_description
1 polymer 'RASK GTPase (Fragment)'
2 non-polymer '(~{E})-3-(1~{H}-indol-3-yl)prop-2-enoic acid'
#
_entity_poly.entity_id   1
_entity_poly.type   'polypeptide(L)'
_entity_poly.pdbx_seq_one_letter_code
;MTEYKLVVVGAVGVGKSALTIQLIQNHFVDEYDPTIEDSYRKQVVIDGETCLLDILDTAGQEEYSAMRDQYMRTGEGFLC
VFAINNTKSFEDIHHYREQIKRVKDSEDVPMVLVGNKSDLPSRTVDTKQAQDLARSYGIPFIETSAKTRQGVDDAFYTLV
REIRKHKEK
;
_entity_poly.pdbx_strand_id   A
#
loop_
_chem_comp.id
_chem_comp.type
_chem_comp.name
_chem_comp.formula
Z5I non-polymer '(~{E})-3-(1~{H}-indol-3-yl)prop-2-enoic acid' 'C11 H9 N O2'
#
# COMPACT_ATOMS: atom_id res chain seq x y z
N MET A 1 23.64 2.56 -2.54
CA MET A 1 22.27 3.01 -2.63
C MET A 1 21.32 1.97 -2.06
N THR A 2 20.46 2.38 -1.13
CA THR A 2 19.51 1.47 -0.52
C THR A 2 18.37 1.16 -1.49
N GLU A 3 18.16 -0.13 -1.76
CA GLU A 3 17.11 -0.56 -2.66
C GLU A 3 16.00 -1.21 -1.85
N TYR A 4 14.90 -0.49 -1.66
CA TYR A 4 13.78 -1.01 -0.88
C TYR A 4 12.84 -1.83 -1.76
N LYS A 5 12.52 -3.03 -1.29
CA LYS A 5 11.62 -3.92 -2.01
C LYS A 5 10.24 -3.90 -1.37
N LEU A 6 9.30 -3.22 -2.02
CA LEU A 6 7.94 -3.11 -1.49
C LEU A 6 6.91 -3.59 -2.49
N VAL A 7 5.78 -4.05 -1.97
CA VAL A 7 4.69 -4.52 -2.80
C VAL A 7 3.36 -3.94 -2.31
N VAL A 8 2.45 -3.70 -3.23
CA VAL A 8 1.15 -3.15 -2.89
C VAL A 8 0.10 -4.24 -2.92
N VAL A 9 -0.79 -4.23 -1.94
CA VAL A 9 -1.86 -5.21 -1.86
C VAL A 9 -3.22 -4.54 -1.89
N GLY A 10 -4.17 -5.18 -2.56
CA GLY A 10 -5.51 -4.63 -2.65
C GLY A 10 -6.39 -5.47 -3.54
N ALA A 11 -7.33 -4.82 -4.22
CA ALA A 11 -8.25 -5.50 -5.12
C ALA A 11 -8.62 -4.61 -6.29
N VAL A 12 -9.44 -5.13 -7.21
CA VAL A 12 -9.86 -4.38 -8.38
C VAL A 12 -10.84 -3.28 -7.97
N GLY A 13 -10.52 -2.04 -8.35
CA GLY A 13 -11.37 -0.92 -8.01
C GLY A 13 -10.66 0.08 -7.13
N VAL A 14 -9.58 -0.37 -6.51
CA VAL A 14 -8.80 0.50 -5.62
C VAL A 14 -8.03 1.54 -6.44
N GLY A 15 -7.37 1.09 -7.51
CA GLY A 15 -6.60 1.98 -8.35
C GLY A 15 -5.20 2.20 -7.82
N LYS A 16 -4.52 1.12 -7.50
CA LYS A 16 -3.17 1.19 -6.96
C LYS A 16 -2.18 1.67 -8.02
N SER A 17 -2.52 1.45 -9.27
CA SER A 17 -1.67 1.87 -10.38
C SER A 17 -1.72 3.38 -10.55
N ALA A 18 -2.88 3.97 -10.27
CA ALA A 18 -3.06 5.40 -10.39
C ALA A 18 -2.31 6.12 -9.27
N LEU A 19 -2.19 5.45 -8.14
CA LEU A 19 -1.50 6.01 -6.98
C LEU A 19 0.01 5.98 -7.19
N THR A 20 0.50 4.89 -7.78
CA THR A 20 1.92 4.73 -8.01
C THR A 20 2.42 5.71 -9.08
N ILE A 21 1.75 5.75 -10.23
CA ILE A 21 2.15 6.64 -11.32
C ILE A 21 2.19 8.10 -10.86
N GLN A 22 1.28 8.45 -9.95
CA GLN A 22 1.20 9.81 -9.42
C GLN A 22 2.48 10.18 -8.67
N LEU A 23 3.16 9.17 -8.13
CA LEU A 23 4.39 9.40 -7.37
C LEU A 23 5.62 9.02 -8.19
N ILE A 24 5.40 8.38 -9.32
CA ILE A 24 6.50 7.96 -10.19
C ILE A 24 6.86 9.06 -11.19
N GLN A 25 5.84 9.68 -11.78
CA GLN A 25 6.09 10.74 -12.76
C GLN A 25 5.17 11.94 -12.51
N ASN A 26 4.51 11.96 -11.35
CA ASN A 26 3.60 13.04 -10.99
C ASN A 26 2.52 13.22 -12.05
N HIS A 27 1.72 12.17 -12.25
CA HIS A 27 0.67 12.17 -13.25
C HIS A 27 -0.52 11.38 -12.75
N PHE A 28 -1.73 11.82 -13.08
CA PHE A 28 -2.94 11.12 -12.66
C PHE A 28 -3.68 10.53 -13.86
N VAL A 29 -3.73 9.21 -13.93
CA VAL A 29 -4.42 8.54 -15.01
C VAL A 29 -5.85 8.20 -14.59
N ASP A 30 -6.81 8.54 -15.46
CA ASP A 30 -8.22 8.29 -15.18
C ASP A 30 -8.62 6.89 -15.61
N GLU A 31 -8.04 6.42 -16.70
CA GLU A 31 -8.35 5.09 -17.23
C GLU A 31 -7.80 4.00 -16.32
N TYR A 32 -8.62 3.01 -16.05
CA TYR A 32 -8.24 1.88 -15.21
C TYR A 32 -7.61 0.79 -16.06
N ASP A 33 -6.32 0.55 -15.86
CA ASP A 33 -5.61 -0.46 -16.61
C ASP A 33 -5.34 -1.69 -15.77
N PRO A 34 -5.67 -2.87 -16.31
CA PRO A 34 -5.45 -4.14 -15.60
C PRO A 34 -3.95 -4.45 -15.48
N THR A 35 -3.40 -4.13 -14.34
CA THR A 35 -1.99 -4.36 -14.08
C THR A 35 -1.74 -5.77 -13.55
N ILE A 36 -0.88 -6.49 -14.24
CA ILE A 36 -0.55 -7.86 -13.86
C ILE A 36 0.88 -7.95 -13.35
N GLU A 37 1.78 -7.23 -14.00
CA GLU A 37 3.19 -7.26 -13.62
C GLU A 37 3.86 -5.93 -13.94
N ASP A 38 3.95 -5.04 -12.96
CA ASP A 38 4.56 -3.74 -13.16
C ASP A 38 5.46 -3.38 -11.99
N SER A 39 6.71 -3.06 -12.28
CA SER A 39 7.67 -2.70 -11.26
C SER A 39 8.11 -1.25 -11.45
N TYR A 40 8.10 -0.49 -10.36
CA TYR A 40 8.48 0.91 -10.41
C TYR A 40 9.72 1.16 -9.57
N ARG A 41 10.80 1.53 -10.23
CA ARG A 41 12.05 1.84 -9.54
C ARG A 41 12.33 3.33 -9.62
N LYS A 42 11.95 4.06 -8.59
CA LYS A 42 12.16 5.50 -8.57
C LYS A 42 13.03 5.89 -7.38
N GLN A 43 13.96 6.80 -7.62
CA GLN A 43 14.86 7.27 -6.57
C GLN A 43 14.17 8.35 -5.74
N VAL A 44 14.20 8.19 -4.44
CA VAL A 44 13.57 9.15 -3.54
C VAL A 44 14.53 9.57 -2.43
N VAL A 45 14.60 10.86 -2.17
CA VAL A 45 15.46 11.39 -1.14
C VAL A 45 14.72 11.42 0.19
N ILE A 46 14.65 10.27 0.84
CA ILE A 46 13.95 10.14 2.11
C ILE A 46 14.78 10.71 3.25
N ASP A 47 14.34 11.87 3.75
CA ASP A 47 15.01 12.55 4.86
C ASP A 47 16.46 12.90 4.52
N GLY A 48 16.74 13.05 3.24
CA GLY A 48 18.08 13.36 2.79
C GLY A 48 18.81 12.16 2.25
N GLU A 49 18.26 10.98 2.47
CA GLU A 49 18.87 9.75 2.00
C GLU A 49 18.32 9.36 0.63
N THR A 50 19.13 9.56 -0.40
CA THR A 50 18.75 9.22 -1.75
C THR A 50 18.80 7.70 -1.95
N CYS A 51 17.64 7.07 -1.90
CA CYS A 51 17.55 5.63 -2.06
C CYS A 51 16.60 5.27 -3.20
N LEU A 52 16.60 4.01 -3.58
CA LEU A 52 15.75 3.54 -4.65
C LEU A 52 14.54 2.81 -4.08
N LEU A 53 13.37 3.23 -4.52
CA LEU A 53 12.14 2.63 -4.04
C LEU A 53 11.53 1.74 -5.13
N ASP A 54 11.76 0.43 -5.01
CA ASP A 54 11.23 -0.53 -5.97
C ASP A 54 9.86 -1.00 -5.51
N ILE A 55 8.84 -0.61 -6.25
CA ILE A 55 7.46 -0.96 -5.94
C ILE A 55 6.87 -1.85 -7.02
N LEU A 56 6.40 -3.03 -6.62
CA LEU A 56 5.80 -3.95 -7.57
C LEU A 56 4.27 -3.95 -7.43
N ASP A 57 3.61 -3.51 -8.48
CA ASP A 57 2.15 -3.47 -8.50
C ASP A 57 1.61 -4.84 -8.85
N THR A 58 1.00 -5.49 -7.86
CA THR A 58 0.44 -6.81 -8.05
C THR A 58 -1.01 -6.72 -8.52
N ALA A 59 -1.52 -7.81 -9.06
CA ALA A 59 -2.89 -7.84 -9.54
C ALA A 59 -3.86 -7.80 -8.37
N GLY A 60 -5.02 -7.22 -8.57
CA GLY A 60 -6.01 -7.13 -7.51
C GLY A 60 -6.96 -8.31 -7.52
N GLN A 61 -6.43 -9.48 -7.90
CA GLN A 61 -7.22 -10.69 -7.96
C GLN A 61 -6.55 -11.81 -7.17
N GLU A 62 -7.12 -12.99 -7.23
CA GLU A 62 -6.58 -14.15 -6.53
C GLU A 62 -6.23 -15.24 -7.53
N GLU A 63 -5.89 -14.83 -8.74
CA GLU A 63 -5.55 -15.76 -9.81
C GLU A 63 -4.09 -16.20 -9.74
N TYR A 64 -3.21 -15.28 -9.36
CA TYR A 64 -1.78 -15.58 -9.28
C TYR A 64 -1.35 -15.69 -7.82
N SER A 65 -2.14 -16.40 -7.02
CA SER A 65 -1.84 -16.58 -5.60
C SER A 65 -0.57 -17.38 -5.39
N ALA A 66 -0.30 -18.32 -6.29
CA ALA A 66 0.89 -19.15 -6.19
C ALA A 66 2.14 -18.33 -6.46
N MET A 67 2.00 -17.26 -7.22
CA MET A 67 3.12 -16.39 -7.54
C MET A 67 3.25 -15.28 -6.50
N ARG A 68 2.18 -15.10 -5.72
CA ARG A 68 2.15 -14.09 -4.69
C ARG A 68 3.16 -14.40 -3.59
N ASP A 69 3.22 -15.68 -3.20
CA ASP A 69 4.12 -16.14 -2.14
C ASP A 69 5.58 -15.82 -2.47
N GLN A 70 5.90 -15.75 -3.75
CA GLN A 70 7.25 -15.46 -4.21
C GLN A 70 7.77 -14.12 -3.71
N TYR A 71 7.12 -13.04 -4.11
CA TYR A 71 7.55 -11.71 -3.69
C TYR A 71 7.01 -11.35 -2.31
N MET A 72 6.08 -12.15 -1.80
CA MET A 72 5.52 -11.91 -0.47
C MET A 72 6.59 -12.14 0.61
N ARG A 73 7.54 -13.00 0.29
CA ARG A 73 8.64 -13.32 1.21
C ARG A 73 9.83 -12.39 0.96
N THR A 74 9.87 -11.80 -0.24
CA THR A 74 10.96 -10.90 -0.61
C THR A 74 10.67 -9.46 -0.21
N GLY A 75 9.43 -9.03 -0.38
CA GLY A 75 9.06 -7.67 -0.02
C GLY A 75 9.01 -7.47 1.48
N GLU A 76 9.65 -6.41 1.95
CA GLU A 76 9.67 -6.11 3.38
C GLU A 76 8.50 -5.22 3.77
N GLY A 77 8.16 -4.28 2.90
CA GLY A 77 7.08 -3.37 3.19
C GLY A 77 5.84 -3.66 2.38
N PHE A 78 4.71 -3.78 3.06
CA PHE A 78 3.44 -4.06 2.39
C PHE A 78 2.54 -2.84 2.41
N LEU A 79 2.27 -2.31 1.22
CA LEU A 79 1.41 -1.16 1.10
C LEU A 79 -0.04 -1.61 1.03
N CYS A 80 -0.78 -1.41 2.10
CA CYS A 80 -2.18 -1.81 2.16
C CYS A 80 -3.08 -0.59 1.92
N VAL A 81 -3.68 -0.54 0.74
CA VAL A 81 -4.55 0.56 0.38
C VAL A 81 -5.97 0.05 0.12
N PHE A 82 -6.93 0.49 0.93
CA PHE A 82 -8.31 0.07 0.76
C PHE A 82 -9.17 1.26 0.35
N ALA A 83 -10.17 1.00 -0.48
CA ALA A 83 -11.08 2.04 -0.95
C ALA A 83 -12.32 2.09 -0.06
N ILE A 84 -12.67 3.29 0.37
CA ILE A 84 -13.85 3.50 1.23
C ILE A 84 -15.14 3.39 0.42
N ASN A 85 -14.99 3.17 -0.88
CA ASN A 85 -16.13 3.04 -1.79
C ASN A 85 -16.82 1.70 -1.59
N ASN A 86 -16.08 0.74 -1.06
CA ASN A 86 -16.61 -0.60 -0.83
C ASN A 86 -16.23 -1.07 0.58
N THR A 87 -17.19 -1.62 1.30
CA THR A 87 -16.95 -2.10 2.64
C THR A 87 -16.23 -3.45 2.63
N LYS A 88 -16.24 -4.12 1.47
CA LYS A 88 -15.59 -5.41 1.34
C LYS A 88 -14.08 -5.28 1.44
N SER A 89 -13.56 -4.15 0.95
CA SER A 89 -12.13 -3.87 0.99
C SER A 89 -11.66 -3.77 2.43
N PHE A 90 -12.58 -3.47 3.33
CA PHE A 90 -12.27 -3.34 4.75
C PHE A 90 -12.35 -4.70 5.43
N GLU A 91 -13.06 -5.62 4.80
CA GLU A 91 -13.22 -6.96 5.34
C GLU A 91 -12.11 -7.88 4.85
N ASP A 92 -11.64 -7.65 3.63
CA ASP A 92 -10.58 -8.47 3.03
C ASP A 92 -9.24 -8.26 3.73
N ILE A 93 -9.19 -7.31 4.64
CA ILE A 93 -7.98 -7.04 5.40
C ILE A 93 -7.62 -8.25 6.26
N HIS A 94 -8.64 -8.98 6.69
CA HIS A 94 -8.45 -10.16 7.51
C HIS A 94 -7.76 -11.26 6.70
N HIS A 95 -8.13 -11.34 5.43
CA HIS A 95 -7.57 -12.33 4.51
C HIS A 95 -6.08 -12.12 4.37
N TYR A 96 -5.70 -10.90 4.00
CA TYR A 96 -4.29 -10.55 3.82
C TYR A 96 -3.54 -10.61 5.14
N ARG A 97 -4.22 -10.31 6.24
CA ARG A 97 -3.61 -10.33 7.56
C ARG A 97 -3.04 -11.71 7.89
N GLU A 98 -3.89 -12.73 7.80
CA GLU A 98 -3.46 -14.09 8.10
C GLU A 98 -2.50 -14.60 7.02
N GLN A 99 -2.72 -14.12 5.79
CA GLN A 99 -1.88 -14.51 4.66
C GLN A 99 -0.44 -14.02 4.85
N ILE A 100 -0.28 -12.73 5.12
CA ILE A 100 1.05 -12.16 5.33
C ILE A 100 1.68 -12.72 6.59
N LYS A 101 0.89 -12.86 7.65
CA LYS A 101 1.37 -13.38 8.93
C LYS A 101 2.04 -14.74 8.75
N ARG A 102 1.47 -15.57 7.87
CA ARG A 102 1.99 -16.90 7.61
C ARG A 102 3.29 -16.84 6.79
N VAL A 103 3.23 -16.17 5.64
CA VAL A 103 4.39 -16.08 4.75
C VAL A 103 5.55 -15.30 5.38
N LYS A 104 5.24 -14.37 6.27
CA LYS A 104 6.28 -13.57 6.91
C LYS A 104 6.92 -14.30 8.07
N ASP A 105 6.25 -15.37 8.54
CA ASP A 105 6.75 -16.18 9.65
C ASP A 105 6.92 -15.32 10.91
N SER A 106 6.10 -14.29 11.03
CA SER A 106 6.16 -13.38 12.16
C SER A 106 4.81 -12.70 12.34
N GLU A 107 4.50 -12.29 13.57
CA GLU A 107 3.24 -11.63 13.86
C GLU A 107 3.39 -10.12 13.65
N ASP A 108 4.62 -9.67 13.45
CA ASP A 108 4.90 -8.26 13.23
C ASP A 108 5.69 -8.07 11.93
N VAL A 109 5.41 -6.99 11.23
CA VAL A 109 6.08 -6.68 9.97
C VAL A 109 5.69 -5.26 9.54
N PRO A 110 6.64 -4.45 9.07
CA PRO A 110 6.39 -3.07 8.63
C PRO A 110 5.32 -2.97 7.54
N MET A 111 4.09 -2.71 7.97
CA MET A 111 2.97 -2.57 7.07
C MET A 111 2.21 -1.30 7.40
N VAL A 112 1.61 -0.69 6.38
CA VAL A 112 0.85 0.53 6.57
C VAL A 112 -0.54 0.37 5.98
N LEU A 113 -1.54 0.79 6.74
CA LEU A 113 -2.92 0.69 6.30
C LEU A 113 -3.45 2.09 5.99
N VAL A 114 -3.66 2.37 4.72
CA VAL A 114 -4.14 3.68 4.30
C VAL A 114 -5.43 3.58 3.51
N GLY A 115 -6.23 4.63 3.55
CA GLY A 115 -7.49 4.64 2.82
C GLY A 115 -7.39 5.51 1.59
N ASN A 116 -7.95 5.03 0.49
CA ASN A 116 -7.92 5.77 -0.78
C ASN A 116 -9.32 6.13 -1.24
N LYS A 117 -9.41 7.19 -2.05
CA LYS A 117 -10.67 7.67 -2.61
C LYS A 117 -11.59 8.22 -1.54
N SER A 118 -11.00 8.88 -0.53
CA SER A 118 -11.76 9.46 0.56
C SER A 118 -12.49 10.72 0.10
N ASP A 119 -12.11 11.21 -1.07
CA ASP A 119 -12.71 12.41 -1.63
C ASP A 119 -14.04 12.08 -2.31
N LEU A 120 -14.33 10.79 -2.44
CA LEU A 120 -15.57 10.34 -3.05
C LEU A 120 -16.74 10.57 -2.09
N PRO A 121 -17.92 10.90 -2.64
CA PRO A 121 -19.12 11.14 -1.82
C PRO A 121 -19.65 9.85 -1.19
N SER A 122 -19.24 8.71 -1.74
CA SER A 122 -19.65 7.42 -1.24
C SER A 122 -18.75 6.97 -0.09
N ARG A 123 -18.93 7.56 1.08
CA ARG A 123 -18.13 7.21 2.23
C ARG A 123 -18.75 6.02 2.94
N THR A 124 -18.68 4.86 2.31
CA THR A 124 -19.22 3.64 2.89
C THR A 124 -18.44 3.25 4.15
N VAL A 125 -17.13 3.44 4.10
CA VAL A 125 -16.28 3.14 5.24
C VAL A 125 -15.95 4.42 5.98
N ASP A 126 -16.42 4.50 7.22
CA ASP A 126 -16.18 5.67 8.05
C ASP A 126 -14.79 5.61 8.68
N THR A 127 -14.24 6.78 8.96
CA THR A 127 -12.89 6.89 9.52
C THR A 127 -12.75 6.27 10.91
N LYS A 128 -13.83 6.26 11.70
CA LYS A 128 -13.80 5.69 13.04
C LYS A 128 -13.47 4.20 12.98
N GLN A 129 -14.11 3.50 12.05
CA GLN A 129 -13.88 2.07 11.88
C GLN A 129 -12.42 1.80 11.49
N ALA A 130 -11.88 2.64 10.62
CA ALA A 130 -10.51 2.51 10.16
C ALA A 130 -9.52 2.81 11.29
N GLN A 131 -9.76 3.89 12.01
CA GLN A 131 -8.90 4.29 13.11
C GLN A 131 -8.91 3.27 14.24
N ASP A 132 -10.09 2.80 14.61
CA ASP A 132 -10.23 1.81 15.68
C ASP A 132 -9.52 0.51 15.31
N LEU A 133 -9.74 0.05 14.08
CA LEU A 133 -9.11 -1.18 13.61
C LEU A 133 -7.60 -1.02 13.56
N ALA A 134 -7.15 0.12 13.06
CA ALA A 134 -5.73 0.40 12.97
C ALA A 134 -5.10 0.44 14.37
N ARG A 135 -5.88 0.93 15.33
CA ARG A 135 -5.42 1.03 16.71
C ARG A 135 -5.32 -0.35 17.36
N SER A 136 -6.05 -1.32 16.82
CA SER A 136 -6.02 -2.68 17.34
C SER A 136 -4.62 -3.28 17.18
N TYR A 137 -4.04 -3.10 16.00
CA TYR A 137 -2.70 -3.62 15.71
C TYR A 137 -1.63 -2.58 16.07
N GLY A 138 -2.06 -1.32 16.15
CA GLY A 138 -1.15 -0.26 16.48
C GLY A 138 -0.42 0.27 15.27
N ILE A 139 -1.13 0.33 14.14
CA ILE A 139 -0.55 0.82 12.90
C ILE A 139 -1.12 2.18 12.51
N PRO A 140 -0.28 3.05 11.94
CA PRO A 140 -0.70 4.39 11.53
C PRO A 140 -1.59 4.36 10.28
N PHE A 141 -2.76 4.97 10.40
CA PHE A 141 -3.70 5.06 9.29
C PHE A 141 -3.58 6.43 8.62
N ILE A 142 -3.29 6.42 7.34
CA ILE A 142 -3.12 7.67 6.59
C ILE A 142 -4.19 7.80 5.50
N GLU A 143 -4.95 8.88 5.58
CA GLU A 143 -5.98 9.15 4.59
C GLU A 143 -5.30 9.69 3.33
N THR A 144 -5.48 9.01 2.21
CA THR A 144 -4.84 9.43 0.97
C THR A 144 -5.79 9.41 -0.21
N SER A 145 -5.38 10.07 -1.28
CA SER A 145 -6.14 10.16 -2.51
C SER A 145 -5.29 10.82 -3.58
N ALA A 146 -5.16 10.17 -4.71
CA ALA A 146 -4.36 10.71 -5.81
C ALA A 146 -5.19 11.70 -6.60
N LYS A 147 -6.50 11.66 -6.39
CA LYS A 147 -7.41 12.57 -7.07
C LYS A 147 -7.27 13.98 -6.49
N THR A 148 -7.21 14.07 -5.17
CA THR A 148 -7.05 15.36 -4.51
C THR A 148 -5.57 15.62 -4.23
N ARG A 149 -4.79 14.54 -4.18
CA ARG A 149 -3.35 14.60 -3.94
C ARG A 149 -3.03 15.39 -2.66
N GLN A 150 -3.36 14.81 -1.52
CA GLN A 150 -3.10 15.45 -0.24
C GLN A 150 -2.47 14.48 0.75
N GLY A 151 -1.26 14.79 1.18
CA GLY A 151 -0.55 13.94 2.13
C GLY A 151 -0.14 12.61 1.56
N VAL A 152 0.00 12.56 0.24
CA VAL A 152 0.40 11.33 -0.42
C VAL A 152 1.90 11.12 -0.24
N ASP A 153 2.66 12.19 -0.40
CA ASP A 153 4.10 12.14 -0.24
C ASP A 153 4.46 11.79 1.19
N ASP A 154 3.72 12.38 2.13
CA ASP A 154 3.95 12.15 3.56
C ASP A 154 3.91 10.66 3.88
N ALA A 155 2.89 9.98 3.36
CA ALA A 155 2.70 8.55 3.59
C ALA A 155 3.92 7.73 3.13
N PHE A 156 4.48 8.10 1.98
CA PHE A 156 5.63 7.40 1.43
C PHE A 156 6.90 7.69 2.23
N TYR A 157 7.08 8.94 2.62
CA TYR A 157 8.26 9.34 3.38
C TYR A 157 8.29 8.69 4.75
N THR A 158 7.15 8.66 5.43
CA THR A 158 7.08 8.07 6.75
C THR A 158 7.13 6.55 6.70
N LEU A 159 6.68 5.99 5.58
CA LEU A 159 6.68 4.54 5.38
C LEU A 159 8.11 3.99 5.47
N VAL A 160 9.02 4.65 4.75
CA VAL A 160 10.41 4.24 4.73
C VAL A 160 11.03 4.30 6.13
N ARG A 161 10.57 5.26 6.93
CA ARG A 161 11.08 5.42 8.29
C ARG A 161 10.76 4.19 9.12
N GLU A 162 9.56 3.64 8.92
CA GLU A 162 9.13 2.45 9.64
C GLU A 162 10.02 1.26 9.28
N ILE A 163 10.44 1.22 8.02
CA ILE A 163 11.31 0.15 7.56
C ILE A 163 12.68 0.29 8.22
N ARG A 164 13.13 1.53 8.37
CA ARG A 164 14.41 1.82 9.00
C ARG A 164 14.35 1.42 10.47
N LYS A 165 13.23 1.74 11.12
CA LYS A 165 13.03 1.43 12.53
C LYS A 165 12.92 -0.07 12.77
N HIS A 166 12.51 -0.82 11.76
CA HIS A 166 12.38 -2.27 11.88
C HIS A 166 13.75 -2.93 11.72
N LYS A 167 14.74 -2.14 11.36
CA LYS A 167 16.09 -2.64 11.18
C LYS A 167 17.02 -2.09 12.25
N GLU A 168 17.02 -0.78 12.39
CA GLU A 168 17.87 -0.10 13.36
C GLU A 168 17.03 0.77 14.29
C4 Z5I B . 10.18 -7.53 -7.93
C5 Z5I B . 10.14 -6.33 -8.52
C6 Z5I B . 9.59 -6.04 -6.42
C7 Z5I B . 9.23 -5.57 -5.17
C8 Z5I B . 9.11 -6.46 -4.10
C10 Z5I B . 9.72 -8.29 -5.54
O Z5I B . 11.47 -9.87 -11.77
C Z5I B . 11.18 -9.91 -10.56
O2 Z5I B . 11.18 -10.97 -9.87
C2 Z5I B . 10.84 -8.72 -9.92
C3 Z5I B . 10.52 -8.73 -8.57
N Z5I B . 9.78 -5.43 -7.60
C11 Z5I B . 9.83 -7.40 -6.60
C9 Z5I B . 9.36 -7.81 -4.29
H5 Z5I B . 10.31 -6.01 -9.54
H1 Z5I B . 9.04 -4.51 -5.02
H2 Z5I B . 8.83 -6.09 -3.12
H4 Z5I B . 9.92 -9.35 -5.67
H Z5I B . 11.79 -9.91 -12.69
H7 Z5I B . 10.81 -7.82 -10.50
H6 Z5I B . 10.51 -9.65 -8.01
H55 Z5I B . 9.68 -4.46 -7.76
H3 Z5I B . 9.26 -8.51 -3.45
N MET A 1 23.48 2.81 -4.17
CA MET A 1 22.31 3.37 -3.51
C MET A 1 21.49 2.26 -2.84
N THR A 2 20.96 2.56 -1.66
CA THR A 2 20.15 1.61 -0.91
C THR A 2 18.87 1.29 -1.68
N GLU A 3 18.61 0.00 -1.87
CA GLU A 3 17.42 -0.42 -2.61
C GLU A 3 16.36 -0.93 -1.65
N TYR A 4 15.11 -0.58 -1.91
CA TYR A 4 14.01 -1.02 -1.08
C TYR A 4 13.01 -1.83 -1.92
N LYS A 5 12.72 -3.04 -1.48
CA LYS A 5 11.77 -3.90 -2.19
C LYS A 5 10.38 -3.80 -1.56
N LEU A 6 9.53 -2.99 -2.15
CA LEU A 6 8.18 -2.79 -1.62
C LEU A 6 7.12 -3.38 -2.54
N VAL A 7 6.01 -3.77 -1.95
CA VAL A 7 4.90 -4.34 -2.68
C VAL A 7 3.58 -3.75 -2.22
N VAL A 8 2.66 -3.53 -3.15
CA VAL A 8 1.35 -2.98 -2.81
C VAL A 8 0.30 -4.07 -2.88
N VAL A 9 -0.40 -4.27 -1.77
CA VAL A 9 -1.44 -5.28 -1.69
C VAL A 9 -2.82 -4.64 -1.55
N GLY A 10 -3.80 -5.21 -2.23
CA GLY A 10 -5.14 -4.69 -2.18
C GLY A 10 -6.09 -5.51 -3.04
N ALA A 11 -7.23 -4.93 -3.36
CA ALA A 11 -8.22 -5.62 -4.18
C ALA A 11 -8.45 -4.89 -5.50
N VAL A 12 -9.44 -5.37 -6.26
CA VAL A 12 -9.77 -4.78 -7.54
C VAL A 12 -10.71 -3.59 -7.39
N GLY A 13 -10.40 -2.50 -8.08
CA GLY A 13 -11.24 -1.31 -8.01
C GLY A 13 -10.86 -0.38 -6.89
N VAL A 14 -9.68 -0.57 -6.34
CA VAL A 14 -9.19 0.28 -5.25
C VAL A 14 -8.34 1.42 -5.78
N GLY A 15 -7.49 1.12 -6.76
CA GLY A 15 -6.63 2.15 -7.32
C GLY A 15 -5.34 2.27 -6.54
N LYS A 16 -4.83 1.13 -6.11
CA LYS A 16 -3.59 1.09 -5.33
C LYS A 16 -2.40 1.44 -6.22
N SER A 17 -2.44 1.01 -7.47
CA SER A 17 -1.37 1.27 -8.42
C SER A 17 -1.43 2.72 -8.89
N ALA A 18 -2.63 3.30 -8.84
CA ALA A 18 -2.84 4.68 -9.25
C ALA A 18 -1.99 5.64 -8.43
N LEU A 19 -1.87 5.35 -7.14
CA LEU A 19 -1.07 6.17 -6.24
C LEU A 19 0.40 6.14 -6.64
N THR A 20 0.87 4.94 -6.99
CA THR A 20 2.25 4.74 -7.38
C THR A 20 2.57 5.47 -8.68
N ILE A 21 1.70 5.31 -9.68
CA ILE A 21 1.89 5.96 -10.98
C ILE A 21 1.98 7.48 -10.83
N GLN A 22 1.13 8.04 -9.98
CA GLN A 22 1.12 9.47 -9.73
C GLN A 22 2.45 9.94 -9.11
N LEU A 23 3.02 9.12 -8.25
CA LEU A 23 4.28 9.46 -7.59
C LEU A 23 5.48 9.03 -8.42
N ILE A 24 5.23 8.43 -9.58
CA ILE A 24 6.30 7.97 -10.46
C ILE A 24 6.52 8.92 -11.63
N GLN A 25 5.51 9.10 -12.46
CA GLN A 25 5.63 9.97 -13.61
C GLN A 25 4.75 11.20 -13.49
N ASN A 26 4.18 11.41 -12.31
CA ASN A 26 3.33 12.56 -12.04
C ASN A 26 2.18 12.62 -13.05
N HIS A 27 1.57 11.49 -13.29
CA HIS A 27 0.46 11.38 -14.22
C HIS A 27 -0.60 10.44 -13.66
N PHE A 28 -1.81 10.92 -13.53
CA PHE A 28 -2.89 10.12 -13.02
C PHE A 28 -3.89 9.80 -14.12
N VAL A 29 -4.03 8.53 -14.44
CA VAL A 29 -4.97 8.10 -15.47
C VAL A 29 -6.25 7.61 -14.81
N ASP A 30 -7.38 8.16 -15.24
CA ASP A 30 -8.68 7.77 -14.68
C ASP A 30 -9.07 6.37 -15.13
N GLU A 31 -8.52 5.95 -16.25
CA GLU A 31 -8.79 4.62 -16.79
C GLU A 31 -8.20 3.57 -15.87
N TYR A 32 -9.01 2.58 -15.51
CA TYR A 32 -8.56 1.53 -14.62
C TYR A 32 -7.87 0.40 -15.40
N ASP A 33 -6.56 0.49 -15.52
CA ASP A 33 -5.79 -0.53 -16.22
C ASP A 33 -5.48 -1.69 -15.29
N PRO A 34 -5.83 -2.92 -15.68
CA PRO A 34 -5.58 -4.12 -14.87
C PRO A 34 -4.09 -4.40 -14.66
N THR A 35 -3.55 -3.90 -13.57
CA THR A 35 -2.14 -4.11 -13.25
C THR A 35 -1.91 -5.54 -12.76
N ILE A 36 -0.99 -6.23 -13.41
CA ILE A 36 -0.67 -7.60 -13.05
C ILE A 36 0.63 -7.69 -12.27
N GLU A 37 1.71 -7.20 -12.88
CA GLU A 37 3.02 -7.23 -12.24
C GLU A 37 3.92 -6.15 -12.83
N ASP A 38 4.07 -5.05 -12.11
CA ASP A 38 4.92 -3.95 -12.55
C ASP A 38 5.54 -3.23 -11.38
N SER A 39 6.84 -2.96 -11.47
CA SER A 39 7.54 -2.27 -10.41
C SER A 39 8.30 -1.07 -10.98
N TYR A 40 8.03 0.10 -10.44
CA TYR A 40 8.68 1.31 -10.90
C TYR A 40 9.66 1.81 -9.86
N ARG A 41 10.89 2.08 -10.28
CA ARG A 41 11.93 2.54 -9.37
C ARG A 41 12.09 4.05 -9.45
N LYS A 42 12.26 4.69 -8.31
CA LYS A 42 12.42 6.13 -8.25
C LYS A 42 13.39 6.53 -7.14
N GLN A 43 14.18 7.56 -7.39
CA GLN A 43 15.15 8.05 -6.42
C GLN A 43 14.50 9.11 -5.52
N VAL A 44 14.36 8.80 -4.23
CA VAL A 44 13.74 9.72 -3.30
C VAL A 44 14.61 9.92 -2.05
N VAL A 45 14.53 11.12 -1.49
CA VAL A 45 15.28 11.47 -0.29
C VAL A 45 14.38 11.35 0.93
N ILE A 46 14.56 10.27 1.68
CA ILE A 46 13.76 10.03 2.88
C ILE A 46 14.46 10.59 4.11
N ASP A 47 14.02 11.77 4.56
CA ASP A 47 14.59 12.42 5.74
C ASP A 47 16.10 12.62 5.59
N GLY A 48 16.53 12.91 4.37
CA GLY A 48 17.94 13.12 4.11
C GLY A 48 18.63 11.88 3.57
N GLU A 49 17.92 10.76 3.54
CA GLU A 49 18.50 9.52 3.04
C GLU A 49 17.98 9.20 1.65
N THR A 50 18.83 9.40 0.65
CA THR A 50 18.46 9.12 -0.74
C THR A 50 18.48 7.62 -0.98
N CYS A 51 17.34 7.07 -1.34
CA CYS A 51 17.25 5.63 -1.58
C CYS A 51 16.49 5.34 -2.86
N LEU A 52 16.67 4.13 -3.37
CA LEU A 52 16.01 3.68 -4.58
C LEU A 52 14.73 2.93 -4.22
N LEU A 53 13.60 3.55 -4.47
CA LEU A 53 12.31 2.97 -4.16
C LEU A 53 11.83 2.07 -5.29
N ASP A 54 11.74 0.77 -5.03
CA ASP A 54 11.28 -0.20 -6.02
C ASP A 54 9.95 -0.79 -5.54
N ILE A 55 8.86 -0.22 -6.02
CA ILE A 55 7.54 -0.66 -5.61
C ILE A 55 6.90 -1.53 -6.67
N LEU A 56 6.67 -2.79 -6.31
CA LEU A 56 6.05 -3.75 -7.21
C LEU A 56 4.57 -3.90 -6.90
N ASP A 57 3.74 -3.67 -7.90
CA ASP A 57 2.30 -3.80 -7.74
C ASP A 57 1.86 -5.16 -8.25
N THR A 58 1.04 -5.85 -7.47
CA THR A 58 0.57 -7.17 -7.85
C THR A 58 -0.93 -7.17 -8.07
N ALA A 59 -1.40 -8.00 -8.99
CA ALA A 59 -2.82 -8.11 -9.30
C ALA A 59 -3.63 -8.44 -8.05
N GLY A 60 -4.62 -7.60 -7.74
CA GLY A 60 -5.45 -7.82 -6.57
C GLY A 60 -6.60 -8.77 -6.86
N GLN A 61 -6.27 -9.89 -7.48
CA GLN A 61 -7.26 -10.90 -7.84
C GLN A 61 -6.89 -12.23 -7.20
N GLU A 62 -7.76 -13.21 -7.33
CA GLU A 62 -7.51 -14.53 -6.76
C GLU A 62 -7.43 -15.58 -7.86
N GLU A 63 -6.38 -15.52 -8.65
CA GLU A 63 -6.18 -16.47 -9.74
C GLU A 63 -4.80 -17.07 -9.66
N TYR A 64 -3.78 -16.24 -9.76
CA TYR A 64 -2.40 -16.70 -9.69
C TYR A 64 -1.92 -16.63 -8.24
N SER A 65 -2.66 -17.27 -7.36
CA SER A 65 -2.35 -17.28 -5.96
C SER A 65 -1.12 -18.13 -5.66
N ALA A 66 -0.78 -19.02 -6.59
CA ALA A 66 0.38 -19.88 -6.42
C ALA A 66 1.67 -19.06 -6.48
N MET A 67 1.62 -17.94 -7.18
CA MET A 67 2.76 -17.05 -7.32
C MET A 67 2.81 -16.06 -6.16
N ARG A 68 1.67 -15.93 -5.47
CA ARG A 68 1.57 -15.00 -4.35
C ARG A 68 2.53 -15.39 -3.22
N ASP A 69 2.90 -16.66 -3.17
CA ASP A 69 3.80 -17.16 -2.14
C ASP A 69 5.23 -16.70 -2.40
N GLN A 70 5.47 -16.08 -3.54
CA GLN A 70 6.81 -15.63 -3.90
C GLN A 70 7.08 -14.18 -3.45
N TYR A 71 6.39 -13.22 -4.06
CA TYR A 71 6.61 -11.81 -3.72
C TYR A 71 6.21 -11.47 -2.29
N MET A 72 5.48 -12.36 -1.63
CA MET A 72 5.09 -12.13 -0.25
C MET A 72 6.18 -12.62 0.70
N ARG A 73 7.15 -13.32 0.15
CA ARG A 73 8.25 -13.84 0.93
C ARG A 73 9.43 -12.86 0.91
N THR A 74 9.70 -12.31 -0.27
CA THR A 74 10.78 -11.35 -0.42
C THR A 74 10.29 -9.92 -0.23
N GLY A 75 9.00 -9.77 0.02
CA GLY A 75 8.41 -8.46 0.23
C GLY A 75 8.90 -7.80 1.50
N GLU A 76 9.66 -6.73 1.35
CA GLU A 76 10.20 -6.01 2.50
C GLU A 76 9.15 -5.09 3.10
N GLY A 77 8.49 -4.30 2.27
CA GLY A 77 7.48 -3.40 2.76
C GLY A 77 6.14 -3.59 2.09
N PHE A 78 5.09 -3.70 2.88
CA PHE A 78 3.75 -3.90 2.37
C PHE A 78 2.92 -2.63 2.55
N LEU A 79 2.17 -2.27 1.51
CA LEU A 79 1.32 -1.09 1.56
C LEU A 79 -0.15 -1.52 1.47
N CYS A 80 -0.93 -1.14 2.48
CA CYS A 80 -2.34 -1.49 2.53
C CYS A 80 -3.19 -0.33 2.02
N VAL A 81 -3.74 -0.50 0.83
CA VAL A 81 -4.57 0.53 0.24
C VAL A 81 -6.02 0.06 0.15
N PHE A 82 -6.94 0.90 0.61
CA PHE A 82 -8.35 0.58 0.57
C PHE A 82 -9.15 1.79 0.10
N ALA A 83 -10.39 1.58 -0.28
CA ALA A 83 -11.24 2.66 -0.75
C ALA A 83 -12.42 2.81 0.19
N ILE A 84 -12.73 4.04 0.57
CA ILE A 84 -13.84 4.32 1.47
C ILE A 84 -15.18 4.05 0.79
N ASN A 85 -15.13 3.88 -0.53
CA ASN A 85 -16.32 3.61 -1.32
C ASN A 85 -16.55 2.10 -1.46
N ASN A 86 -15.58 1.32 -0.96
CA ASN A 86 -15.67 -0.13 -1.03
C ASN A 86 -15.33 -0.75 0.33
N THR A 87 -16.36 -1.10 1.08
CA THR A 87 -16.17 -1.70 2.40
C THR A 87 -15.48 -3.06 2.28
N LYS A 88 -15.58 -3.67 1.10
CA LYS A 88 -14.98 -4.99 0.86
C LYS A 88 -13.46 -4.91 1.02
N SER A 89 -12.83 -3.90 0.40
CA SER A 89 -11.38 -3.76 0.48
C SER A 89 -10.90 -3.47 1.91
N PHE A 90 -11.81 -3.00 2.75
CA PHE A 90 -11.48 -2.72 4.13
C PHE A 90 -11.54 -4.00 4.96
N GLU A 91 -12.42 -4.90 4.56
CA GLU A 91 -12.59 -6.18 5.25
C GLU A 91 -11.66 -7.24 4.67
N ASP A 92 -11.16 -6.97 3.46
CA ASP A 92 -10.25 -7.88 2.77
C ASP A 92 -8.87 -7.86 3.41
N ILE A 93 -8.62 -6.83 4.21
CA ILE A 93 -7.34 -6.67 4.89
C ILE A 93 -7.06 -7.87 5.80
N HIS A 94 -8.08 -8.33 6.52
CA HIS A 94 -7.93 -9.48 7.41
C HIS A 94 -7.55 -10.73 6.62
N HIS A 95 -8.11 -10.85 5.43
CA HIS A 95 -7.84 -11.99 4.57
C HIS A 95 -6.37 -12.00 4.16
N TYR A 96 -5.92 -10.86 3.63
CA TYR A 96 -4.53 -10.72 3.20
C TYR A 96 -3.58 -10.91 4.37
N ARG A 97 -3.95 -10.35 5.52
CA ARG A 97 -3.14 -10.45 6.74
C ARG A 97 -2.85 -11.91 7.10
N GLU A 98 -3.90 -12.73 7.09
CA GLU A 98 -3.75 -14.15 7.43
C GLU A 98 -2.89 -14.86 6.41
N GLN A 99 -3.02 -14.47 5.15
CA GLN A 99 -2.24 -15.09 4.08
C GLN A 99 -0.77 -14.68 4.17
N ILE A 100 -0.51 -13.38 4.32
CA ILE A 100 0.84 -12.87 4.41
C ILE A 100 1.56 -13.45 5.63
N LYS A 101 0.83 -13.58 6.73
CA LYS A 101 1.39 -14.10 7.97
C LYS A 101 1.98 -15.50 7.78
N ARG A 102 1.31 -16.32 6.98
CA ARG A 102 1.76 -17.68 6.72
C ARG A 102 2.95 -17.71 5.78
N VAL A 103 2.94 -16.83 4.77
CA VAL A 103 4.02 -16.78 3.79
C VAL A 103 5.26 -16.08 4.36
N LYS A 104 5.04 -15.00 5.10
CA LYS A 104 6.13 -14.23 5.69
C LYS A 104 6.69 -14.92 6.93
N ASP A 105 5.87 -15.79 7.52
CA ASP A 105 6.26 -16.54 8.72
C ASP A 105 6.44 -15.60 9.91
N SER A 106 5.67 -14.51 9.90
CA SER A 106 5.75 -13.52 10.97
C SER A 106 4.56 -12.57 10.88
N GLU A 107 4.25 -11.91 12.00
CA GLU A 107 3.13 -10.97 12.06
C GLU A 107 3.65 -9.53 12.09
N ASP A 108 4.86 -9.36 12.61
CA ASP A 108 5.46 -8.03 12.72
C ASP A 108 6.08 -7.62 11.39
N VAL A 109 5.57 -6.54 10.82
CA VAL A 109 6.07 -6.02 9.56
C VAL A 109 5.62 -4.57 9.36
N PRO A 110 6.53 -3.68 8.92
CA PRO A 110 6.21 -2.28 8.69
C PRO A 110 5.15 -2.11 7.60
N MET A 111 3.98 -1.63 7.97
CA MET A 111 2.89 -1.43 7.03
C MET A 111 2.16 -0.14 7.34
N VAL A 112 1.47 0.40 6.35
CA VAL A 112 0.70 1.63 6.50
C VAL A 112 -0.63 1.48 5.78
N LEU A 113 -1.66 2.10 6.32
CA LEU A 113 -2.99 2.02 5.73
C LEU A 113 -3.39 3.38 5.16
N VAL A 114 -3.70 3.39 3.87
CA VAL A 114 -4.09 4.61 3.21
C VAL A 114 -5.46 4.45 2.55
N GLY A 115 -6.31 5.45 2.74
CA GLY A 115 -7.64 5.43 2.16
C GLY A 115 -7.72 6.23 0.89
N ASN A 116 -7.68 5.55 -0.24
CA ASN A 116 -7.73 6.20 -1.55
C ASN A 116 -9.15 6.63 -1.88
N LYS A 117 -9.26 7.70 -2.66
CA LYS A 117 -10.57 8.23 -3.08
C LYS A 117 -11.38 8.67 -1.86
N SER A 118 -10.68 9.29 -0.91
CA SER A 118 -11.29 9.76 0.32
C SER A 118 -12.09 11.04 0.09
N ASP A 119 -11.96 11.60 -1.10
CA ASP A 119 -12.66 12.83 -1.44
C ASP A 119 -14.03 12.55 -2.07
N LEU A 120 -14.45 11.29 -2.02
CA LEU A 120 -15.74 10.88 -2.56
C LEU A 120 -16.83 11.06 -1.50
N PRO A 121 -18.06 11.41 -1.93
CA PRO A 121 -19.19 11.62 -1.01
C PRO A 121 -19.67 10.31 -0.39
N SER A 122 -19.52 9.22 -1.13
CA SER A 122 -19.93 7.91 -0.67
C SER A 122 -18.95 7.35 0.34
N ARG A 123 -19.05 7.82 1.57
CA ARG A 123 -18.17 7.37 2.64
C ARG A 123 -18.75 6.14 3.32
N THR A 124 -18.57 4.98 2.69
CA THR A 124 -19.07 3.74 3.25
C THR A 124 -18.26 3.36 4.49
N VAL A 125 -16.94 3.50 4.38
CA VAL A 125 -16.05 3.17 5.47
C VAL A 125 -15.90 4.37 6.41
N ASP A 126 -16.27 4.16 7.66
CA ASP A 126 -16.19 5.21 8.67
C ASP A 126 -14.74 5.36 9.17
N THR A 127 -14.33 6.60 9.41
CA THR A 127 -12.98 6.91 9.87
C THR A 127 -12.65 6.25 11.21
N LYS A 128 -13.65 6.12 12.08
CA LYS A 128 -13.44 5.51 13.39
C LYS A 128 -12.88 4.09 13.24
N GLN A 129 -13.45 3.33 12.30
CA GLN A 129 -13.03 1.96 12.04
C GLN A 129 -11.57 1.90 11.62
N ALA A 130 -11.20 2.72 10.65
CA ALA A 130 -9.83 2.76 10.14
C ALA A 130 -8.86 3.28 11.20
N GLN A 131 -9.29 4.28 11.94
CA GLN A 131 -8.47 4.87 12.99
C GLN A 131 -8.27 3.91 14.16
N ASP A 132 -9.31 3.17 14.49
CA ASP A 132 -9.26 2.21 15.58
C ASP A 132 -8.39 1.02 15.21
N LEU A 133 -8.53 0.57 13.97
CA LEU A 133 -7.77 -0.58 13.47
C LEU A 133 -6.27 -0.30 13.51
N ALA A 134 -5.91 0.97 13.45
CA ALA A 134 -4.51 1.39 13.48
C ALA A 134 -3.85 0.97 14.79
N ARG A 135 -4.63 0.96 15.86
CA ARG A 135 -4.13 0.60 17.17
C ARG A 135 -4.25 -0.90 17.42
N SER A 136 -4.81 -1.62 16.46
CA SER A 136 -4.97 -3.07 16.58
C SER A 136 -3.77 -3.79 15.97
N TYR A 137 -3.23 -3.21 14.89
CA TYR A 137 -2.09 -3.80 14.21
C TYR A 137 -0.82 -2.97 14.39
N GLY A 138 -0.99 -1.73 14.82
CA GLY A 138 0.15 -0.85 15.02
C GLY A 138 0.60 -0.21 13.74
N ILE A 139 -0.34 0.00 12.82
CA ILE A 139 -0.04 0.61 11.54
C ILE A 139 -0.73 1.96 11.44
N PRO A 140 0.02 3.02 11.09
CA PRO A 140 -0.55 4.36 10.97
C PRO A 140 -1.51 4.49 9.80
N PHE A 141 -2.61 5.19 10.02
CA PHE A 141 -3.62 5.40 9.00
C PHE A 141 -3.50 6.80 8.42
N ILE A 142 -3.34 6.88 7.11
CA ILE A 142 -3.21 8.17 6.43
C ILE A 142 -4.30 8.33 5.38
N GLU A 143 -4.92 9.49 5.36
CA GLU A 143 -5.98 9.80 4.39
C GLU A 143 -5.35 10.43 3.16
N THR A 144 -5.18 9.65 2.10
CA THR A 144 -4.57 10.16 0.89
C THR A 144 -5.36 9.76 -0.37
N SER A 145 -5.72 10.76 -1.16
CA SER A 145 -6.44 10.51 -2.40
C SER A 145 -5.48 10.66 -3.58
N ALA A 146 -5.43 9.66 -4.45
CA ALA A 146 -4.55 9.69 -5.61
C ALA A 146 -5.03 10.70 -6.65
N LYS A 147 -6.33 10.99 -6.63
CA LYS A 147 -6.93 11.92 -7.58
C LYS A 147 -6.39 13.34 -7.40
N THR A 148 -6.59 13.90 -6.22
CA THR A 148 -6.13 15.26 -5.94
C THR A 148 -4.69 15.27 -5.40
N ARG A 149 -4.20 14.09 -5.03
CA ARG A 149 -2.85 13.94 -4.49
C ARG A 149 -2.66 14.84 -3.27
N GLN A 150 -3.53 14.66 -2.28
CA GLN A 150 -3.48 15.45 -1.05
C GLN A 150 -2.57 14.82 -0.01
N GLY A 151 -1.38 15.39 0.13
CA GLY A 151 -0.41 14.91 1.12
C GLY A 151 -0.11 13.43 0.99
N VAL A 152 0.15 12.97 -0.22
CA VAL A 152 0.44 11.56 -0.46
C VAL A 152 1.90 11.26 -0.13
N ASP A 153 2.73 12.30 -0.18
CA ASP A 153 4.16 12.17 0.10
C ASP A 153 4.39 11.70 1.53
N ASP A 154 3.57 12.23 2.44
CA ASP A 154 3.66 11.89 3.86
C ASP A 154 3.55 10.39 4.10
N ALA A 155 2.61 9.74 3.43
CA ALA A 155 2.39 8.31 3.57
C ALA A 155 3.62 7.51 3.14
N PHE A 156 4.22 7.92 2.02
CA PHE A 156 5.39 7.24 1.50
C PHE A 156 6.59 7.43 2.43
N TYR A 157 6.67 8.61 3.04
CA TYR A 157 7.77 8.92 3.95
C TYR A 157 7.62 8.22 5.31
N THR A 158 6.41 8.21 5.86
CA THR A 158 6.17 7.57 7.15
C THR A 158 6.43 6.07 7.08
N LEU A 159 6.05 5.46 5.96
CA LEU A 159 6.23 4.03 5.76
C LEU A 159 7.70 3.64 5.89
N VAL A 160 8.58 4.42 5.26
CA VAL A 160 10.01 4.15 5.31
C VAL A 160 10.54 4.32 6.74
N ARG A 161 9.99 5.30 7.46
CA ARG A 161 10.40 5.55 8.84
C ARG A 161 10.09 4.34 9.71
N GLU A 162 8.95 3.71 9.45
CA GLU A 162 8.54 2.53 10.19
C GLU A 162 9.54 1.40 9.95
N ILE A 163 10.05 1.31 8.72
CA ILE A 163 11.03 0.29 8.37
C ILE A 163 12.33 0.54 9.12
N ARG A 164 12.70 1.80 9.26
CA ARG A 164 13.92 2.18 9.97
C ARG A 164 13.84 1.75 11.43
N LYS A 165 12.64 1.87 12.00
CA LYS A 165 12.40 1.48 13.38
C LYS A 165 12.46 -0.03 13.52
N HIS A 166 12.02 -0.73 12.48
CA HIS A 166 12.02 -2.19 12.46
C HIS A 166 13.45 -2.71 12.24
N LYS A 167 14.23 -1.96 11.49
CA LYS A 167 15.60 -2.35 11.19
C LYS A 167 16.55 -1.97 12.33
N GLU A 168 16.57 -0.70 12.69
CA GLU A 168 17.44 -0.23 13.75
C GLU A 168 16.62 0.31 14.92
C4 Z5I B . 11.08 -7.47 -7.35
C5 Z5I B . 10.98 -6.32 -8.02
C6 Z5I B . 10.11 -5.99 -6.05
C7 Z5I B . 9.51 -5.49 -4.90
C8 Z5I B . 9.35 -6.31 -3.79
C10 Z5I B . 10.37 -8.14 -4.98
O Z5I B . 13.20 -9.88 -10.74
C Z5I B . 12.71 -9.88 -9.59
O2 Z5I B . 12.70 -10.87 -8.84
C2 Z5I B . 12.15 -8.70 -9.13
C3 Z5I B . 11.64 -8.65 -7.83
N Z5I B . 10.39 -5.44 -7.22
C11 Z5I B . 10.53 -7.31 -6.09
C9 Z5I B . 9.77 -7.63 -3.83
H5 Z5I B . 11.26 -6.05 -9.02
H1 Z5I B . 9.18 -4.45 -4.85
H2 Z5I B . 8.87 -5.92 -2.88
H4 Z5I B . 10.71 -9.17 -5.00
H Z5I B . 13.64 -10.00 -11.60
H7 Z5I B . 12.12 -7.84 -9.77
H6 Z5I B . 11.66 -9.54 -7.20
H55 Z5I B . 10.19 -4.48 -7.48
H3 Z5I B . 9.65 -8.28 -2.96
N MET A 1 23.58 3.40 -2.23
CA MET A 1 22.14 3.49 -2.43
C MET A 1 21.47 2.16 -2.09
N THR A 2 20.70 2.16 -1.01
CA THR A 2 20.01 0.96 -0.56
C THR A 2 18.76 0.71 -1.40
N GLU A 3 18.45 -0.55 -1.65
CA GLU A 3 17.29 -0.91 -2.43
C GLU A 3 16.21 -1.47 -1.52
N TYR A 4 15.00 -0.91 -1.61
CA TYR A 4 13.89 -1.36 -0.77
C TYR A 4 12.76 -1.93 -1.60
N LYS A 5 12.37 -3.16 -1.30
CA LYS A 5 11.28 -3.83 -2.01
C LYS A 5 9.93 -3.46 -1.42
N LEU A 6 9.12 -2.75 -2.20
CA LEU A 6 7.81 -2.32 -1.74
C LEU A 6 6.71 -2.99 -2.57
N VAL A 7 5.89 -3.83 -1.94
CA VAL A 7 4.81 -4.51 -2.63
C VAL A 7 3.48 -3.86 -2.27
N VAL A 8 2.67 -3.57 -3.27
CA VAL A 8 1.36 -2.96 -3.05
C VAL A 8 0.27 -4.02 -3.08
N VAL A 9 -0.48 -4.15 -1.99
CA VAL A 9 -1.55 -5.14 -1.90
C VAL A 9 -2.91 -4.47 -1.78
N GLY A 10 -3.90 -5.07 -2.44
CA GLY A 10 -5.25 -4.54 -2.39
C GLY A 10 -6.16 -5.23 -3.38
N ALA A 11 -7.44 -4.91 -3.34
CA ALA A 11 -8.41 -5.50 -4.25
C ALA A 11 -8.44 -4.75 -5.57
N VAL A 12 -9.25 -5.23 -6.50
CA VAL A 12 -9.36 -4.61 -7.81
C VAL A 12 -10.38 -3.48 -7.78
N GLY A 13 -10.04 -2.36 -8.41
CA GLY A 13 -10.95 -1.22 -8.45
C GLY A 13 -10.62 -0.20 -7.38
N VAL A 14 -9.60 -0.48 -6.58
CA VAL A 14 -9.19 0.40 -5.51
C VAL A 14 -8.38 1.59 -6.06
N GLY A 15 -7.62 1.34 -7.13
CA GLY A 15 -6.82 2.39 -7.71
C GLY A 15 -5.54 2.61 -6.92
N LYS A 16 -4.98 1.51 -6.44
CA LYS A 16 -3.75 1.54 -5.64
C LYS A 16 -2.56 1.97 -6.49
N SER A 17 -2.69 1.80 -7.80
CA SER A 17 -1.64 2.16 -8.74
C SER A 17 -1.69 3.65 -9.04
N ALA A 18 -2.88 4.24 -8.93
CA ALA A 18 -3.08 5.65 -9.22
C ALA A 18 -2.17 6.54 -8.37
N LEU A 19 -2.11 6.23 -7.08
CA LEU A 19 -1.28 7.00 -6.15
C LEU A 19 0.18 6.98 -6.59
N THR A 20 0.64 5.82 -7.03
CA THR A 20 2.00 5.65 -7.49
C THR A 20 2.26 6.45 -8.76
N ILE A 21 1.36 6.34 -9.74
CA ILE A 21 1.50 7.04 -11.00
C ILE A 21 1.43 8.55 -10.80
N GLN A 22 0.57 8.99 -9.88
CA GLN A 22 0.40 10.41 -9.58
C GLN A 22 1.63 10.97 -8.85
N LEU A 23 2.53 10.08 -8.45
CA LEU A 23 3.74 10.50 -7.76
C LEU A 23 4.97 10.35 -8.67
N ILE A 24 5.10 9.20 -9.32
CA ILE A 24 6.23 8.92 -10.19
C ILE A 24 6.34 9.94 -11.33
N GLN A 25 5.34 9.98 -12.20
CA GLN A 25 5.35 10.91 -13.33
C GLN A 25 4.24 11.93 -13.19
N ASN A 26 3.52 11.86 -12.08
CA ASN A 26 2.42 12.77 -11.79
C ASN A 26 1.35 12.69 -12.89
N HIS A 27 0.60 11.60 -12.89
CA HIS A 27 -0.46 11.41 -13.86
C HIS A 27 -1.63 10.69 -13.22
N PHE A 28 -2.83 11.12 -13.58
CA PHE A 28 -4.05 10.53 -13.08
C PHE A 28 -4.92 10.08 -14.23
N VAL A 29 -4.96 8.78 -14.46
CA VAL A 29 -5.76 8.22 -15.54
C VAL A 29 -7.10 7.73 -15.01
N ASP A 30 -8.18 8.17 -15.65
CA ASP A 30 -9.52 7.78 -15.24
C ASP A 30 -9.74 6.31 -15.55
N GLU A 31 -9.18 5.87 -16.66
CA GLU A 31 -9.27 4.49 -17.10
C GLU A 31 -8.49 3.58 -16.16
N TYR A 32 -9.00 2.37 -15.95
CA TYR A 32 -8.34 1.41 -15.08
C TYR A 32 -7.37 0.54 -15.88
N ASP A 33 -6.23 0.24 -15.27
CA ASP A 33 -5.23 -0.61 -15.88
C ASP A 33 -4.89 -1.75 -14.95
N PRO A 34 -5.21 -2.99 -15.34
CA PRO A 34 -4.95 -4.17 -14.51
C PRO A 34 -3.46 -4.53 -14.46
N THR A 35 -2.77 -4.01 -13.45
CA THR A 35 -1.36 -4.30 -13.28
C THR A 35 -1.17 -5.72 -12.76
N ILE A 36 -0.56 -6.56 -13.57
CA ILE A 36 -0.31 -7.94 -13.17
C ILE A 36 0.95 -8.02 -12.32
N GLU A 37 2.00 -7.37 -12.78
CA GLU A 37 3.28 -7.37 -12.09
C GLU A 37 4.22 -6.36 -12.73
N ASP A 38 4.22 -5.14 -12.21
CA ASP A 38 5.09 -4.10 -12.76
C ASP A 38 5.88 -3.43 -11.65
N SER A 39 7.17 -3.24 -11.89
CA SER A 39 8.04 -2.62 -10.91
C SER A 39 8.31 -1.15 -11.25
N TYR A 40 8.29 -0.30 -10.24
CA TYR A 40 8.56 1.12 -10.39
C TYR A 40 9.74 1.50 -9.51
N ARG A 41 10.86 1.84 -10.13
CA ARG A 41 12.06 2.19 -9.39
C ARG A 41 12.34 3.69 -9.49
N LYS A 42 12.48 4.32 -8.34
CA LYS A 42 12.77 5.75 -8.29
C LYS A 42 13.66 6.06 -7.09
N GLN A 43 14.59 6.98 -7.27
CA GLN A 43 15.48 7.38 -6.18
C GLN A 43 14.77 8.36 -5.26
N VAL A 44 14.67 8.01 -4.00
CA VAL A 44 14.01 8.87 -3.02
C VAL A 44 14.96 9.20 -1.88
N VAL A 45 15.09 10.49 -1.59
CA VAL A 45 15.97 10.94 -0.53
C VAL A 45 15.18 11.08 0.78
N ILE A 46 15.38 10.13 1.68
CA ILE A 46 14.70 10.13 2.96
C ILE A 46 15.66 10.57 4.06
N ASP A 47 15.38 11.73 4.64
CA ASP A 47 16.19 12.29 5.73
C ASP A 47 17.63 12.56 5.27
N GLY A 48 17.79 12.84 3.99
CA GLY A 48 19.10 13.11 3.45
C GLY A 48 19.77 11.89 2.85
N GLU A 49 19.11 10.74 2.97
CA GLU A 49 19.65 9.49 2.44
C GLU A 49 18.96 9.12 1.13
N THR A 50 19.75 9.00 0.07
CA THR A 50 19.23 8.66 -1.23
C THR A 50 19.14 7.14 -1.38
N CYS A 51 17.92 6.62 -1.40
CA CYS A 51 17.69 5.18 -1.53
C CYS A 51 16.83 4.90 -2.76
N LEU A 52 16.85 3.66 -3.22
CA LEU A 52 16.06 3.27 -4.38
C LEU A 52 14.87 2.43 -3.95
N LEU A 53 13.69 2.93 -4.21
CA LEU A 53 12.47 2.22 -3.86
C LEU A 53 11.96 1.40 -5.03
N ASP A 54 11.89 0.09 -4.84
CA ASP A 54 11.43 -0.81 -5.87
C ASP A 54 9.99 -1.21 -5.58
N ILE A 55 9.06 -0.43 -6.11
CA ILE A 55 7.64 -0.66 -5.90
C ILE A 55 7.09 -1.63 -6.93
N LEU A 56 6.50 -2.72 -6.46
CA LEU A 56 5.95 -3.73 -7.34
C LEU A 56 4.44 -3.82 -7.19
N ASP A 57 3.73 -3.41 -8.23
CA ASP A 57 2.28 -3.45 -8.23
C ASP A 57 1.80 -4.72 -8.91
N THR A 58 1.17 -5.58 -8.14
CA THR A 58 0.67 -6.84 -8.66
C THR A 58 -0.85 -6.93 -8.53
N ALA A 59 -1.41 -7.98 -9.09
CA ALA A 59 -2.85 -8.19 -9.04
C ALA A 59 -3.27 -8.66 -7.65
N GLY A 60 -4.44 -8.22 -7.24
CA GLY A 60 -4.96 -8.60 -5.94
C GLY A 60 -6.04 -9.65 -6.08
N GLN A 61 -5.99 -10.35 -7.21
CA GLN A 61 -6.96 -11.39 -7.53
C GLN A 61 -6.54 -12.74 -6.94
N GLU A 62 -7.32 -13.76 -7.24
CA GLU A 62 -7.04 -15.10 -6.77
C GLU A 62 -6.80 -16.03 -7.96
N GLU A 63 -6.47 -15.42 -9.09
CA GLU A 63 -6.23 -16.17 -10.32
C GLU A 63 -4.83 -16.77 -10.31
N TYR A 64 -3.84 -15.98 -9.91
CA TYR A 64 -2.46 -16.46 -9.86
C TYR A 64 -2.16 -17.03 -8.48
N SER A 65 -2.89 -18.08 -8.12
CA SER A 65 -2.74 -18.73 -6.83
C SER A 65 -1.34 -19.27 -6.61
N ALA A 66 -0.66 -19.63 -7.70
CA ALA A 66 0.69 -20.17 -7.60
C ALA A 66 1.74 -19.07 -7.52
N MET A 67 1.30 -17.82 -7.50
CA MET A 67 2.22 -16.70 -7.44
C MET A 67 2.00 -15.87 -6.18
N ARG A 68 1.27 -16.43 -5.23
CA ARG A 68 1.00 -15.71 -3.98
C ARG A 68 2.12 -15.94 -2.97
N ASP A 69 2.79 -17.07 -3.07
CA ASP A 69 3.88 -17.40 -2.16
C ASP A 69 5.23 -17.15 -2.82
N GLN A 70 5.33 -16.03 -3.54
CA GLN A 70 6.55 -15.67 -4.24
C GLN A 70 7.08 -14.31 -3.80
N TYR A 71 6.66 -13.26 -4.50
CA TYR A 71 7.11 -11.89 -4.20
C TYR A 71 6.65 -11.44 -2.81
N MET A 72 5.67 -12.13 -2.26
CA MET A 72 5.16 -11.81 -0.93
C MET A 72 6.20 -12.12 0.15
N ARG A 73 7.19 -12.91 -0.24
CA ARG A 73 8.27 -13.28 0.66
C ARG A 73 9.43 -12.28 0.52
N THR A 74 9.76 -11.96 -0.72
CA THR A 74 10.84 -11.04 -1.03
C THR A 74 10.51 -9.60 -0.64
N GLY A 75 9.23 -9.23 -0.78
CA GLY A 75 8.80 -7.89 -0.44
C GLY A 75 9.14 -7.51 0.98
N GLU A 76 9.72 -6.32 1.15
CA GLU A 76 10.09 -5.84 2.46
C GLU A 76 9.00 -4.98 3.07
N GLY A 77 8.26 -4.29 2.21
CA GLY A 77 7.18 -3.45 2.68
C GLY A 77 5.89 -3.75 1.96
N PHE A 78 4.77 -3.68 2.67
CA PHE A 78 3.47 -3.96 2.07
C PHE A 78 2.54 -2.76 2.22
N LEU A 79 2.17 -2.17 1.09
CA LEU A 79 1.28 -1.03 1.09
C LEU A 79 -0.16 -1.49 1.11
N CYS A 80 -0.82 -1.30 2.25
CA CYS A 80 -2.22 -1.70 2.41
C CYS A 80 -3.15 -0.57 1.98
N VAL A 81 -3.60 -0.65 0.74
CA VAL A 81 -4.49 0.35 0.18
C VAL A 81 -5.92 -0.18 0.11
N PHE A 82 -6.87 0.66 0.49
CA PHE A 82 -8.28 0.28 0.44
C PHE A 82 -9.12 1.44 -0.06
N ALA A 83 -10.34 1.16 -0.49
CA ALA A 83 -11.23 2.20 -0.99
C ALA A 83 -12.40 2.42 -0.05
N ILE A 84 -12.68 3.68 0.26
CA ILE A 84 -13.78 4.01 1.18
C ILE A 84 -15.14 3.79 0.51
N ASN A 85 -15.14 3.68 -0.81
CA ASN A 85 -16.37 3.47 -1.57
C ASN A 85 -16.68 1.97 -1.67
N ASN A 86 -15.79 1.16 -1.11
CA ASN A 86 -15.95 -0.29 -1.14
C ASN A 86 -15.48 -0.91 0.17
N THR A 87 -16.42 -1.14 1.07
CA THR A 87 -16.12 -1.71 2.38
C THR A 87 -15.53 -3.12 2.28
N LYS A 88 -15.76 -3.78 1.15
CA LYS A 88 -15.24 -5.13 0.93
C LYS A 88 -13.72 -5.12 0.91
N SER A 89 -13.16 -4.08 0.29
CA SER A 89 -11.71 -3.95 0.20
C SER A 89 -11.08 -3.69 1.57
N PHE A 90 -11.90 -3.25 2.51
CA PHE A 90 -11.46 -2.97 3.86
C PHE A 90 -11.55 -4.22 4.72
N GLU A 91 -12.56 -5.04 4.46
CA GLU A 91 -12.78 -6.27 5.20
C GLU A 91 -11.85 -7.37 4.73
N ASP A 92 -11.57 -7.41 3.43
CA ASP A 92 -10.70 -8.42 2.84
C ASP A 92 -9.26 -8.30 3.32
N ILE A 93 -8.96 -7.19 3.98
CA ILE A 93 -7.62 -6.95 4.51
C ILE A 93 -7.24 -8.03 5.52
N HIS A 94 -8.20 -8.47 6.32
CA HIS A 94 -7.96 -9.50 7.33
C HIS A 94 -7.49 -10.80 6.70
N HIS A 95 -8.10 -11.17 5.57
CA HIS A 95 -7.75 -12.41 4.88
C HIS A 95 -6.31 -12.35 4.39
N TYR A 96 -5.96 -11.27 3.70
CA TYR A 96 -4.62 -11.09 3.16
C TYR A 96 -3.60 -10.99 4.30
N ARG A 97 -4.04 -10.40 5.40
CA ARG A 97 -3.19 -10.25 6.57
C ARG A 97 -2.75 -11.62 7.09
N GLU A 98 -3.71 -12.52 7.22
CA GLU A 98 -3.43 -13.87 7.70
C GLU A 98 -2.57 -14.62 6.70
N GLN A 99 -2.73 -14.29 5.43
CA GLN A 99 -1.97 -14.92 4.36
C GLN A 99 -0.50 -14.50 4.43
N ILE A 100 -0.25 -13.19 4.44
CA ILE A 100 1.10 -12.65 4.49
C ILE A 100 1.81 -13.10 5.77
N LYS A 101 1.04 -13.22 6.86
CA LYS A 101 1.58 -13.64 8.14
C LYS A 101 2.29 -14.98 8.02
N ARG A 102 1.67 -15.89 7.28
CA ARG A 102 2.22 -17.22 7.09
C ARG A 102 3.35 -17.24 6.07
N VAL A 103 3.18 -16.50 4.98
CA VAL A 103 4.19 -16.44 3.93
C VAL A 103 5.48 -15.75 4.39
N LYS A 104 5.34 -14.66 5.14
CA LYS A 104 6.49 -13.94 5.63
C LYS A 104 7.00 -14.50 6.96
N ASP A 105 6.24 -15.43 7.53
CA ASP A 105 6.59 -16.05 8.81
C ASP A 105 6.79 -15.01 9.89
N SER A 106 5.97 -13.96 9.84
CA SER A 106 6.06 -12.88 10.81
C SER A 106 4.74 -12.14 10.91
N GLU A 107 4.36 -11.75 12.12
CA GLU A 107 3.13 -11.02 12.35
C GLU A 107 3.43 -9.52 12.38
N ASP A 108 4.59 -9.18 12.91
CA ASP A 108 5.02 -7.78 12.99
C ASP A 108 5.79 -7.41 11.73
N VAL A 109 5.31 -6.38 11.06
CA VAL A 109 5.92 -5.90 9.84
C VAL A 109 5.48 -4.46 9.59
N PRO A 110 6.44 -3.55 9.33
CA PRO A 110 6.13 -2.14 9.08
C PRO A 110 5.25 -1.93 7.85
N MET A 111 3.97 -1.70 8.10
CA MET A 111 2.99 -1.48 7.04
C MET A 111 2.17 -0.23 7.36
N VAL A 112 1.50 0.30 6.36
CA VAL A 112 0.67 1.48 6.54
C VAL A 112 -0.66 1.30 5.85
N LEU A 113 -1.72 1.79 6.49
CA LEU A 113 -3.06 1.69 5.92
C LEU A 113 -3.44 3.02 5.29
N VAL A 114 -3.64 3.01 3.98
CA VAL A 114 -4.00 4.23 3.28
C VAL A 114 -5.34 4.09 2.60
N GLY A 115 -6.18 5.10 2.76
CA GLY A 115 -7.50 5.08 2.15
C GLY A 115 -7.56 5.96 0.92
N ASN A 116 -7.79 5.34 -0.23
CA ASN A 116 -7.86 6.05 -1.50
C ASN A 116 -9.31 6.38 -1.83
N LYS A 117 -9.49 7.31 -2.76
CA LYS A 117 -10.81 7.74 -3.22
C LYS A 117 -11.62 8.37 -2.09
N SER A 118 -10.95 9.16 -1.25
CA SER A 118 -11.60 9.83 -0.14
C SER A 118 -12.35 11.07 -0.62
N ASP A 119 -12.38 11.27 -1.93
CA ASP A 119 -13.06 12.39 -2.54
C ASP A 119 -14.44 11.98 -3.03
N LEU A 120 -14.84 10.75 -2.70
CA LEU A 120 -16.13 10.23 -3.10
C LEU A 120 -17.17 10.46 -2.02
N PRO A 121 -18.45 10.67 -2.40
CA PRO A 121 -19.54 10.92 -1.45
C PRO A 121 -19.92 9.69 -0.63
N SER A 122 -19.89 8.52 -1.26
CA SER A 122 -20.24 7.28 -0.59
C SER A 122 -19.12 6.87 0.38
N ARG A 123 -19.28 7.26 1.63
CA ARG A 123 -18.29 6.97 2.65
C ARG A 123 -18.74 5.80 3.52
N THR A 124 -18.36 4.59 3.12
CA THR A 124 -18.70 3.42 3.90
C THR A 124 -17.71 3.26 5.05
N VAL A 125 -16.44 3.45 4.73
CA VAL A 125 -15.38 3.37 5.73
C VAL A 125 -15.01 4.78 6.17
N ASP A 126 -14.93 5.01 7.48
CA ASP A 126 -14.61 6.32 8.00
C ASP A 126 -13.39 6.28 8.92
N THR A 127 -12.93 7.47 9.31
CA THR A 127 -11.76 7.62 10.17
C THR A 127 -11.91 6.88 11.50
N LYS A 128 -13.11 6.87 12.06
CA LYS A 128 -13.36 6.19 13.33
C LYS A 128 -13.05 4.71 13.23
N GLN A 129 -13.47 4.10 12.13
CA GLN A 129 -13.23 2.67 11.90
C GLN A 129 -11.75 2.43 11.66
N ALA A 130 -11.15 3.25 10.80
CA ALA A 130 -9.74 3.12 10.45
C ALA A 130 -8.83 3.33 11.66
N GLN A 131 -9.14 4.33 12.47
CA GLN A 131 -8.34 4.65 13.64
C GLN A 131 -8.52 3.60 14.74
N ASP A 132 -9.72 3.03 14.83
CA ASP A 132 -9.98 2.01 15.85
C ASP A 132 -9.29 0.70 15.48
N LEU A 133 -9.37 0.35 14.22
CA LEU A 133 -8.75 -0.88 13.72
C LEU A 133 -7.23 -0.77 13.80
N ALA A 134 -6.73 0.45 13.60
CA ALA A 134 -5.30 0.73 13.64
C ALA A 134 -4.69 0.28 14.97
N ARG A 135 -5.40 0.56 16.06
CA ARG A 135 -4.92 0.21 17.40
C ARG A 135 -4.91 -1.31 17.62
N SER A 136 -5.63 -2.05 16.79
CA SER A 136 -5.68 -3.51 16.93
C SER A 136 -4.61 -4.19 16.07
N TYR A 137 -4.10 -3.46 15.07
CA TYR A 137 -3.08 -4.00 14.18
C TYR A 137 -1.71 -3.43 14.48
N GLY A 138 -1.68 -2.19 14.98
CA GLY A 138 -0.42 -1.56 15.30
C GLY A 138 0.11 -0.74 14.15
N ILE A 139 -0.70 -0.60 13.10
CA ILE A 139 -0.30 0.16 11.93
C ILE A 139 -1.20 1.39 11.77
N PRO A 140 -0.60 2.57 11.55
CA PRO A 140 -1.35 3.82 11.40
C PRO A 140 -2.07 3.92 10.06
N PHE A 141 -3.08 4.78 10.01
CA PHE A 141 -3.86 5.00 8.81
C PHE A 141 -3.72 6.44 8.33
N ILE A 142 -3.57 6.61 7.04
CA ILE A 142 -3.42 7.94 6.44
C ILE A 142 -4.32 8.08 5.21
N GLU A 143 -5.22 9.06 5.25
CA GLU A 143 -6.13 9.31 4.14
C GLU A 143 -5.36 9.90 2.97
N THR A 144 -5.43 9.25 1.82
CA THR A 144 -4.71 9.71 0.65
C THR A 144 -5.51 9.51 -0.63
N SER A 145 -6.09 10.59 -1.13
CA SER A 145 -6.85 10.54 -2.37
C SER A 145 -5.93 10.79 -3.56
N ALA A 146 -5.93 9.87 -4.51
CA ALA A 146 -5.09 10.01 -5.70
C ALA A 146 -5.63 11.10 -6.62
N LYS A 147 -6.92 11.36 -6.53
CA LYS A 147 -7.57 12.37 -7.35
C LYS A 147 -7.12 13.78 -6.97
N THR A 148 -7.17 14.09 -5.69
CA THR A 148 -6.79 15.41 -5.22
C THR A 148 -5.29 15.47 -4.88
N ARG A 149 -4.67 14.30 -4.70
CA ARG A 149 -3.25 14.22 -4.37
C ARG A 149 -2.95 15.02 -3.10
N GLN A 150 -3.67 14.72 -2.04
CA GLN A 150 -3.50 15.42 -0.77
C GLN A 150 -2.51 14.69 0.13
N GLY A 151 -1.28 15.20 0.17
CA GLY A 151 -0.23 14.62 0.99
C GLY A 151 -0.02 13.15 0.73
N VAL A 152 0.22 12.79 -0.52
CA VAL A 152 0.44 11.40 -0.89
C VAL A 152 1.88 10.99 -0.61
N ASP A 153 2.81 11.84 -1.00
CA ASP A 153 4.23 11.57 -0.79
C ASP A 153 4.57 11.52 0.70
N ASP A 154 3.81 12.26 1.49
CA ASP A 154 4.01 12.30 2.94
C ASP A 154 3.83 10.91 3.56
N ALA A 155 2.83 10.18 3.08
CA ALA A 155 2.55 8.83 3.57
C ALA A 155 3.70 7.89 3.25
N PHE A 156 4.36 8.13 2.12
CA PHE A 156 5.48 7.30 1.69
C PHE A 156 6.68 7.52 2.61
N TYR A 157 6.73 8.68 3.25
CA TYR A 157 7.83 9.01 4.15
C TYR A 157 7.60 8.44 5.54
N THR A 158 6.34 8.39 5.97
CA THR A 158 6.01 7.86 7.27
C THR A 158 6.36 6.38 7.38
N LEU A 159 6.14 5.66 6.28
CA LEU A 159 6.44 4.23 6.24
C LEU A 159 7.92 3.97 6.48
N VAL A 160 8.77 4.75 5.81
CA VAL A 160 10.22 4.60 5.94
C VAL A 160 10.65 4.78 7.40
N ARG A 161 10.04 5.75 8.07
CA ARG A 161 10.36 6.02 9.48
C ARG A 161 10.15 4.77 10.31
N GLU A 162 9.02 4.12 10.10
CA GLU A 162 8.68 2.90 10.84
C GLU A 162 9.58 1.74 10.42
N ILE A 163 10.01 1.74 9.16
CA ILE A 163 10.90 0.71 8.64
C ILE A 163 12.26 0.82 9.33
N ARG A 164 12.71 2.05 9.55
CA ARG A 164 13.99 2.29 10.21
C ARG A 164 13.95 1.77 11.64
N LYS A 165 12.79 1.88 12.28
CA LYS A 165 12.60 1.42 13.65
C LYS A 165 12.59 -0.11 13.70
N HIS A 166 12.34 -0.72 12.56
CA HIS A 166 12.30 -2.18 12.46
C HIS A 166 13.69 -2.72 12.15
N LYS A 167 14.49 -1.94 11.43
CA LYS A 167 15.83 -2.37 11.06
C LYS A 167 16.83 -2.03 12.16
N GLU A 168 16.73 -0.83 12.72
CA GLU A 168 17.63 -0.40 13.80
C GLU A 168 16.85 0.23 14.93
C4 Z5I B . 11.41 -7.77 -7.57
C5 Z5I B . 11.32 -6.65 -8.28
C6 Z5I B . 10.12 -6.35 -6.51
C7 Z5I B . 9.30 -5.88 -5.48
C8 Z5I B . 9.02 -6.70 -4.38
C10 Z5I B . 10.38 -8.44 -5.33
O Z5I B . 14.33 -10.01 -10.46
C Z5I B . 13.62 -10.04 -9.43
O2 Z5I B . 13.53 -11.04 -8.69
C2 Z5I B . 12.88 -8.91 -9.10
C3 Z5I B . 12.15 -8.89 -7.92
N Z5I B . 10.54 -5.79 -7.63
C11 Z5I B . 10.65 -7.62 -6.43
C9 Z5I B . 9.56 -7.98 -4.31
H5 Z5I B . 11.74 -6.36 -9.24
H1 Z5I B . 8.88 -4.88 -5.52
H2 Z5I B . 8.39 -6.33 -3.58
H4 Z5I B . 10.82 -9.44 -5.26
H Z5I B . 14.83 -10.19 -11.28
H7 Z5I B . 12.87 -8.07 -9.77
H6 Z5I B . 12.15 -9.76 -7.25
H55 Z5I B . 10.31 -4.87 -7.95
H3 Z5I B . 9.34 -8.61 -3.45
N MET A 1 23.69 2.88 -2.83
CA MET A 1 22.27 3.17 -2.92
C MET A 1 21.45 1.92 -2.65
N THR A 2 20.72 1.92 -1.53
CA THR A 2 19.91 0.79 -1.15
C THR A 2 18.69 0.65 -2.06
N GLU A 3 18.43 -0.56 -2.51
CA GLU A 3 17.29 -0.84 -3.37
C GLU A 3 16.22 -1.59 -2.56
N TYR A 4 15.21 -0.86 -2.12
CA TYR A 4 14.14 -1.44 -1.31
C TYR A 4 13.13 -2.19 -2.16
N LYS A 5 12.20 -2.86 -1.49
CA LYS A 5 11.17 -3.64 -2.16
C LYS A 5 9.81 -3.34 -1.52
N LEU A 6 8.86 -2.92 -2.34
CA LEU A 6 7.52 -2.59 -1.85
C LEU A 6 6.45 -3.28 -2.67
N VAL A 7 5.56 -3.98 -1.99
CA VAL A 7 4.46 -4.68 -2.65
C VAL A 7 3.14 -4.03 -2.29
N VAL A 8 2.40 -3.58 -3.30
CA VAL A 8 1.11 -2.95 -3.07
C VAL A 8 0.00 -3.99 -3.15
N VAL A 9 -0.87 -4.00 -2.14
CA VAL A 9 -1.96 -4.95 -2.08
C VAL A 9 -3.32 -4.24 -2.07
N GLY A 10 -4.24 -4.70 -2.89
CA GLY A 10 -5.56 -4.10 -2.97
C GLY A 10 -6.42 -4.73 -4.05
N ALA A 11 -7.69 -4.90 -3.74
CA ALA A 11 -8.63 -5.52 -4.69
C ALA A 11 -8.90 -4.60 -5.89
N VAL A 12 -9.52 -5.17 -6.92
CA VAL A 12 -9.85 -4.41 -8.13
C VAL A 12 -10.88 -3.33 -7.83
N GLY A 13 -10.50 -2.08 -8.06
CA GLY A 13 -11.41 -0.97 -7.81
C GLY A 13 -10.77 0.09 -6.93
N VAL A 14 -9.72 -0.29 -6.22
CA VAL A 14 -9.02 0.64 -5.35
C VAL A 14 -8.18 1.64 -6.14
N GLY A 15 -7.62 1.18 -7.25
CA GLY A 15 -6.79 2.03 -8.07
C GLY A 15 -5.43 2.23 -7.44
N LYS A 16 -4.71 1.13 -7.26
CA LYS A 16 -3.40 1.17 -6.63
C LYS A 16 -2.38 1.88 -7.52
N SER A 17 -2.45 1.61 -8.81
CA SER A 17 -1.53 2.19 -9.77
C SER A 17 -1.71 3.71 -9.85
N ALA A 18 -2.94 4.18 -9.62
CA ALA A 18 -3.23 5.61 -9.66
C ALA A 18 -2.33 6.40 -8.74
N LEU A 19 -2.16 5.90 -7.53
CA LEU A 19 -1.33 6.57 -6.52
C LEU A 19 0.15 6.53 -6.94
N THR A 20 0.59 5.37 -7.40
CA THR A 20 1.96 5.17 -7.83
C THR A 20 2.33 6.09 -8.99
N ILE A 21 1.54 6.06 -10.06
CA ILE A 21 1.81 6.87 -11.24
C ILE A 21 1.84 8.36 -10.91
N GLN A 22 0.95 8.78 -10.00
CA GLN A 22 0.87 10.17 -9.59
C GLN A 22 2.11 10.59 -8.80
N LEU A 23 2.76 9.62 -8.17
CA LEU A 23 3.95 9.89 -7.37
C LEU A 23 5.23 9.72 -8.18
N ILE A 24 5.22 8.81 -9.14
CA ILE A 24 6.40 8.56 -9.95
C ILE A 24 6.57 9.62 -11.05
N GLN A 25 5.55 9.80 -11.88
CA GLN A 25 5.65 10.76 -12.97
C GLN A 25 4.55 11.81 -12.93
N ASN A 26 3.82 11.86 -11.81
CA ASN A 26 2.72 12.83 -11.63
C ASN A 26 1.73 12.76 -12.79
N HIS A 27 1.26 11.56 -13.09
CA HIS A 27 0.30 11.37 -14.17
C HIS A 27 -0.97 10.71 -13.63
N PHE A 28 -2.11 11.14 -14.15
CA PHE A 28 -3.38 10.61 -13.72
C PHE A 28 -4.15 10.05 -14.91
N VAL A 29 -4.70 8.86 -14.75
CA VAL A 29 -5.47 8.22 -15.81
C VAL A 29 -6.91 7.97 -15.36
N ASP A 30 -7.87 8.27 -16.24
CA ASP A 30 -9.28 8.08 -15.92
C ASP A 30 -9.70 6.64 -16.14
N GLU A 31 -9.03 5.98 -17.09
CA GLU A 31 -9.31 4.59 -17.41
C GLU A 31 -8.66 3.64 -16.41
N TYR A 32 -9.16 2.41 -16.37
CA TYR A 32 -8.64 1.40 -15.44
C TYR A 32 -7.86 0.32 -16.19
N ASP A 33 -6.63 0.10 -15.80
CA ASP A 33 -5.80 -0.91 -16.42
C ASP A 33 -5.31 -1.89 -15.36
N PRO A 34 -5.83 -3.13 -15.37
CA PRO A 34 -5.44 -4.16 -14.40
C PRO A 34 -3.99 -4.61 -14.57
N THR A 35 -3.13 -4.09 -13.72
CA THR A 35 -1.72 -4.41 -13.77
C THR A 35 -1.49 -5.84 -13.26
N ILE A 36 -0.79 -6.63 -14.06
CA ILE A 36 -0.50 -8.02 -13.71
C ILE A 36 0.78 -8.10 -12.89
N GLU A 37 1.86 -7.62 -13.49
CA GLU A 37 3.16 -7.63 -12.83
C GLU A 37 4.00 -6.46 -13.31
N ASP A 38 3.96 -5.37 -12.58
CA ASP A 38 4.73 -4.18 -12.95
C ASP A 38 5.59 -3.72 -11.78
N SER A 39 6.80 -3.29 -12.09
CA SER A 39 7.74 -2.82 -11.09
C SER A 39 8.26 -1.44 -11.47
N TYR A 40 8.12 -0.49 -10.57
CA TYR A 40 8.58 0.88 -10.81
C TYR A 40 9.73 1.23 -9.87
N ARG A 41 10.93 1.28 -10.43
CA ARG A 41 12.11 1.63 -9.66
C ARG A 41 12.40 3.12 -9.78
N LYS A 42 12.60 3.77 -8.65
CA LYS A 42 12.87 5.20 -8.65
C LYS A 42 13.69 5.60 -7.43
N GLN A 43 14.58 6.57 -7.60
CA GLN A 43 15.41 7.05 -6.51
C GLN A 43 14.60 8.02 -5.65
N VAL A 44 14.19 7.57 -4.49
CA VAL A 44 13.39 8.39 -3.59
C VAL A 44 14.22 8.85 -2.40
N VAL A 45 14.18 10.14 -2.13
CA VAL A 45 14.93 10.70 -1.02
C VAL A 45 14.06 10.75 0.23
N ILE A 46 14.45 9.99 1.24
CA ILE A 46 13.71 9.92 2.49
C ILE A 46 14.51 10.55 3.63
N ASP A 47 14.06 11.70 4.11
CA ASP A 47 14.72 12.41 5.22
C ASP A 47 16.16 12.74 4.87
N GLY A 48 16.42 12.94 3.58
CA GLY A 48 17.76 13.27 3.14
C GLY A 48 18.48 12.08 2.57
N GLU A 49 18.02 10.88 2.91
CA GLU A 49 18.65 9.65 2.43
C GLU A 49 18.23 9.36 1.00
N THR A 50 19.20 9.39 0.10
CA THR A 50 18.95 9.12 -1.31
C THR A 50 18.99 7.61 -1.56
N CYS A 51 17.83 7.00 -1.56
CA CYS A 51 17.73 5.56 -1.78
C CYS A 51 16.92 5.25 -3.02
N LEU A 52 16.81 3.97 -3.34
CA LEU A 52 16.05 3.53 -4.49
C LEU A 52 14.95 2.60 -4.03
N LEU A 53 13.73 2.90 -4.39
CA LEU A 53 12.60 2.08 -4.00
C LEU A 53 11.99 1.38 -5.21
N ASP A 54 11.76 0.09 -5.06
CA ASP A 54 11.15 -0.72 -6.11
C ASP A 54 9.72 -1.06 -5.71
N ILE A 55 8.76 -0.48 -6.41
CA ILE A 55 7.35 -0.71 -6.13
C ILE A 55 6.75 -1.67 -7.14
N LEU A 56 6.26 -2.79 -6.65
CA LEU A 56 5.65 -3.80 -7.51
C LEU A 56 4.15 -3.82 -7.37
N ASP A 57 3.46 -3.76 -8.49
CA ASP A 57 2.01 -3.81 -8.52
C ASP A 57 1.56 -5.24 -8.76
N THR A 58 0.64 -5.72 -7.95
CA THR A 58 0.14 -7.07 -8.09
C THR A 58 -1.28 -7.08 -8.61
N ALA A 59 -1.67 -8.17 -9.26
CA ALA A 59 -3.00 -8.29 -9.80
C ALA A 59 -4.02 -8.46 -8.67
N GLY A 60 -5.10 -7.69 -8.73
CA GLY A 60 -6.13 -7.77 -7.70
C GLY A 60 -7.07 -8.95 -7.91
N GLN A 61 -6.58 -9.97 -8.61
CA GLN A 61 -7.36 -11.17 -8.89
C GLN A 61 -6.84 -12.34 -8.06
N GLU A 62 -7.52 -13.48 -8.15
CA GLU A 62 -7.11 -14.66 -7.41
C GLU A 62 -6.77 -15.83 -8.35
N GLU A 63 -5.63 -15.72 -9.01
CA GLU A 63 -5.21 -16.76 -9.94
C GLU A 63 -3.72 -17.07 -9.76
N TYR A 64 -2.91 -16.03 -9.69
CA TYR A 64 -1.47 -16.19 -9.51
C TYR A 64 -1.13 -16.38 -8.03
N SER A 65 -1.93 -17.19 -7.36
CA SER A 65 -1.76 -17.46 -5.94
C SER A 65 -0.44 -18.19 -5.67
N ALA A 66 0.05 -18.92 -6.66
CA ALA A 66 1.31 -19.63 -6.50
C ALA A 66 2.47 -18.64 -6.54
N MET A 67 2.30 -17.59 -7.33
CA MET A 67 3.32 -16.56 -7.45
C MET A 67 3.24 -15.59 -6.28
N ARG A 68 2.12 -15.65 -5.56
CA ARG A 68 1.90 -14.77 -4.42
C ARG A 68 2.98 -14.96 -3.36
N ASP A 69 3.29 -16.20 -3.04
CA ASP A 69 4.30 -16.52 -2.04
C ASP A 69 5.69 -16.07 -2.47
N GLN A 70 5.84 -15.78 -3.75
CA GLN A 70 7.12 -15.36 -4.30
C GLN A 70 7.39 -13.89 -4.01
N TYR A 71 6.57 -13.00 -4.58
CA TYR A 71 6.78 -11.57 -4.40
C TYR A 71 6.49 -11.10 -2.98
N MET A 72 5.66 -11.82 -2.25
CA MET A 72 5.34 -11.41 -0.88
C MET A 72 6.48 -11.77 0.07
N ARG A 73 7.28 -12.76 -0.33
CA ARG A 73 8.42 -13.18 0.47
C ARG A 73 9.64 -12.34 0.13
N THR A 74 9.61 -11.75 -1.06
CA THR A 74 10.70 -10.91 -1.52
C THR A 74 10.36 -9.43 -1.30
N GLY A 75 9.22 -9.17 -0.68
CA GLY A 75 8.80 -7.82 -0.42
C GLY A 75 9.16 -7.36 0.98
N GLU A 76 9.92 -6.26 1.06
CA GLU A 76 10.32 -5.70 2.35
C GLU A 76 9.14 -4.98 2.98
N GLY A 77 8.62 -3.99 2.27
CA GLY A 77 7.50 -3.22 2.76
C GLY A 77 6.23 -3.51 2.00
N PHE A 78 5.08 -3.32 2.65
CA PHE A 78 3.80 -3.58 2.01
C PHE A 78 2.90 -2.36 2.11
N LEU A 79 2.16 -2.11 1.04
CA LEU A 79 1.24 -0.98 1.00
C LEU A 79 -0.19 -1.47 0.86
N CYS A 80 -0.94 -1.40 1.95
CA CYS A 80 -2.33 -1.83 1.95
C CYS A 80 -3.25 -0.63 1.73
N VAL A 81 -3.87 -0.58 0.57
CA VAL A 81 -4.77 0.52 0.23
C VAL A 81 -6.20 0.01 0.09
N PHE A 82 -7.15 0.76 0.63
CA PHE A 82 -8.54 0.39 0.54
C PHE A 82 -9.35 1.59 0.06
N ALA A 83 -10.59 1.33 -0.32
CA ALA A 83 -11.47 2.38 -0.80
C ALA A 83 -12.62 2.57 0.17
N ILE A 84 -12.92 3.82 0.51
CA ILE A 84 -14.00 4.09 1.45
C ILE A 84 -15.36 3.90 0.79
N ASN A 85 -15.35 3.67 -0.52
CA ASN A 85 -16.59 3.47 -1.28
C ASN A 85 -17.21 2.10 -0.96
N ASN A 86 -16.37 1.08 -0.89
CA ASN A 86 -16.84 -0.27 -0.60
C ASN A 86 -16.11 -0.87 0.61
N THR A 87 -16.89 -1.21 1.63
CA THR A 87 -16.35 -1.79 2.86
C THR A 87 -15.61 -3.10 2.60
N LYS A 88 -15.91 -3.76 1.50
CA LYS A 88 -15.27 -5.02 1.14
C LYS A 88 -13.75 -4.87 1.08
N SER A 89 -13.28 -3.76 0.53
CA SER A 89 -11.85 -3.52 0.41
C SER A 89 -11.18 -3.35 1.78
N PHE A 90 -11.99 -3.03 2.79
CA PHE A 90 -11.49 -2.83 4.14
C PHE A 90 -11.57 -4.14 4.94
N GLU A 91 -12.54 -4.96 4.60
CA GLU A 91 -12.72 -6.24 5.29
C GLU A 91 -11.80 -7.31 4.71
N ASP A 92 -11.52 -7.20 3.43
CA ASP A 92 -10.65 -8.16 2.74
C ASP A 92 -9.21 -8.06 3.25
N ILE A 93 -8.93 -7.00 3.98
CA ILE A 93 -7.61 -6.76 4.54
C ILE A 93 -7.23 -7.89 5.49
N HIS A 94 -8.21 -8.41 6.23
CA HIS A 94 -7.96 -9.49 7.18
C HIS A 94 -7.60 -10.78 6.44
N HIS A 95 -8.16 -10.94 5.25
CA HIS A 95 -7.89 -12.12 4.45
C HIS A 95 -6.43 -12.13 4.02
N TYR A 96 -5.92 -10.96 3.62
CA TYR A 96 -4.54 -10.84 3.21
C TYR A 96 -3.63 -10.80 4.44
N ARG A 97 -4.18 -10.35 5.56
CA ARG A 97 -3.45 -10.26 6.82
C ARG A 97 -2.88 -11.63 7.21
N GLU A 98 -3.73 -12.65 7.19
CA GLU A 98 -3.32 -14.00 7.54
C GLU A 98 -2.28 -14.55 6.54
N GLN A 99 -2.37 -14.09 5.30
CA GLN A 99 -1.43 -14.54 4.27
C GLN A 99 -0.07 -13.87 4.48
N ILE A 100 -0.08 -12.54 4.62
CA ILE A 100 1.15 -11.79 4.83
C ILE A 100 1.83 -12.23 6.12
N LYS A 101 1.04 -12.46 7.15
CA LYS A 101 1.55 -12.88 8.45
C LYS A 101 2.34 -14.18 8.33
N ARG A 102 1.83 -15.09 7.51
CA ARG A 102 2.46 -16.39 7.30
C ARG A 102 3.76 -16.25 6.52
N VAL A 103 3.73 -15.43 5.48
CA VAL A 103 4.90 -15.22 4.63
C VAL A 103 5.98 -14.41 5.36
N LYS A 104 5.56 -13.51 6.24
CA LYS A 104 6.51 -12.68 6.98
C LYS A 104 7.12 -13.45 8.15
N ASP A 105 6.48 -14.55 8.52
CA ASP A 105 6.95 -15.41 9.62
C ASP A 105 6.97 -14.67 10.95
N SER A 106 6.09 -13.69 11.10
CA SER A 106 6.02 -12.92 12.33
C SER A 106 4.65 -12.28 12.48
N GLU A 107 4.29 -11.93 13.72
CA GLU A 107 3.00 -11.30 13.99
C GLU A 107 3.10 -9.79 13.82
N ASP A 108 4.21 -9.20 14.27
CA ASP A 108 4.41 -7.76 14.14
C ASP A 108 5.16 -7.45 12.85
N VAL A 109 4.76 -6.39 12.16
CA VAL A 109 5.39 -6.01 10.91
C VAL A 109 5.14 -4.53 10.60
N PRO A 110 6.20 -3.79 10.20
CA PRO A 110 6.07 -2.37 9.86
C PRO A 110 5.25 -2.19 8.59
N MET A 111 3.97 -1.97 8.77
CA MET A 111 3.06 -1.80 7.65
C MET A 111 2.23 -0.53 7.82
N VAL A 112 1.76 0.04 6.72
CA VAL A 112 0.95 1.25 6.77
C VAL A 112 -0.35 1.04 6.01
N LEU A 113 -1.43 1.62 6.51
CA LEU A 113 -2.73 1.51 5.86
C LEU A 113 -3.16 2.85 5.31
N VAL A 114 -3.57 2.87 4.05
CA VAL A 114 -4.00 4.11 3.43
C VAL A 114 -5.32 3.92 2.69
N GLY A 115 -6.09 5.00 2.62
CA GLY A 115 -7.37 4.94 1.94
C GLY A 115 -7.40 5.90 0.76
N ASN A 116 -7.70 5.37 -0.42
CA ASN A 116 -7.74 6.18 -1.64
C ASN A 116 -9.17 6.59 -1.97
N LYS A 117 -9.31 7.61 -2.81
CA LYS A 117 -10.61 8.12 -3.24
C LYS A 117 -11.43 8.63 -2.07
N SER A 118 -10.78 9.34 -1.16
CA SER A 118 -11.46 9.89 0.00
C SER A 118 -12.21 11.16 -0.36
N ASP A 119 -11.99 11.65 -1.58
CA ASP A 119 -12.63 12.86 -2.05
C ASP A 119 -13.95 12.56 -2.75
N LEU A 120 -14.23 11.29 -3.01
CA LEU A 120 -15.47 10.91 -3.67
C LEU A 120 -16.65 10.98 -2.69
N PRO A 121 -17.85 11.29 -3.19
CA PRO A 121 -19.07 11.39 -2.37
C PRO A 121 -19.61 10.02 -1.97
N SER A 122 -18.71 9.12 -1.61
CA SER A 122 -19.08 7.77 -1.22
C SER A 122 -18.27 7.35 0.00
N ARG A 123 -18.51 8.02 1.12
CA ARG A 123 -17.81 7.72 2.35
C ARG A 123 -18.55 6.67 3.16
N THR A 124 -18.31 5.41 2.83
CA THR A 124 -18.95 4.32 3.55
C THR A 124 -18.14 3.95 4.79
N VAL A 125 -16.83 3.84 4.61
CA VAL A 125 -15.94 3.52 5.72
C VAL A 125 -15.62 4.78 6.51
N ASP A 126 -15.88 4.75 7.81
CA ASP A 126 -15.62 5.89 8.67
C ASP A 126 -14.23 5.78 9.30
N THR A 127 -13.61 6.93 9.53
CA THR A 127 -12.26 7.03 10.08
C THR A 127 -12.06 6.20 11.36
N LYS A 128 -13.08 6.16 12.22
CA LYS A 128 -12.98 5.43 13.49
C LYS A 128 -12.72 3.93 13.26
N GLN A 129 -13.25 3.40 12.16
CA GLN A 129 -13.09 1.99 11.83
C GLN A 129 -11.61 1.62 11.65
N ALA A 130 -10.91 2.34 10.78
CA ALA A 130 -9.51 2.07 10.53
C ALA A 130 -8.64 2.51 11.71
N GLN A 131 -9.07 3.56 12.40
CA GLN A 131 -8.32 4.07 13.55
C GLN A 131 -8.30 3.06 14.71
N ASP A 132 -9.45 2.45 14.97
CA ASP A 132 -9.55 1.47 16.05
C ASP A 132 -8.81 0.19 15.68
N LEU A 133 -8.92 -0.21 14.42
CA LEU A 133 -8.26 -1.41 13.93
C LEU A 133 -6.75 -1.19 13.88
N ALA A 134 -6.35 0.06 13.69
CA ALA A 134 -4.93 0.42 13.63
C ALA A 134 -4.23 0.08 14.93
N ARG A 135 -4.91 0.35 16.04
CA ARG A 135 -4.37 0.08 17.36
C ARG A 135 -4.30 -1.42 17.62
N SER A 136 -5.08 -2.19 16.88
CA SER A 136 -5.12 -3.63 17.03
C SER A 136 -3.85 -4.28 16.47
N TYR A 137 -3.38 -3.79 15.33
CA TYR A 137 -2.19 -4.37 14.71
C TYR A 137 -0.94 -3.54 14.99
N GLY A 138 -1.14 -2.31 15.45
CA GLY A 138 -0.01 -1.45 15.74
C GLY A 138 0.53 -0.80 14.49
N ILE A 139 -0.38 -0.40 13.62
CA ILE A 139 -0.02 0.24 12.35
C ILE A 139 -0.69 1.61 12.24
N PRO A 140 -0.08 2.56 11.52
CA PRO A 140 -0.64 3.88 11.32
C PRO A 140 -1.58 3.94 10.12
N PHE A 141 -2.60 4.78 10.20
CA PHE A 141 -3.56 4.92 9.12
C PHE A 141 -3.52 6.34 8.56
N ILE A 142 -3.33 6.44 7.25
CA ILE A 142 -3.26 7.74 6.59
C ILE A 142 -4.26 7.81 5.45
N GLU A 143 -4.92 8.94 5.31
CA GLU A 143 -5.90 9.15 4.25
C GLU A 143 -5.23 9.90 3.09
N THR A 144 -5.16 9.27 1.92
CA THR A 144 -4.51 9.89 0.78
C THR A 144 -5.28 9.68 -0.52
N SER A 145 -5.68 10.79 -1.15
CA SER A 145 -6.40 10.73 -2.42
C SER A 145 -5.44 10.98 -3.58
N ALA A 146 -5.47 10.09 -4.58
CA ALA A 146 -4.60 10.23 -5.74
C ALA A 146 -5.15 11.22 -6.74
N LYS A 147 -6.41 11.63 -6.54
CA LYS A 147 -7.06 12.58 -7.44
C LYS A 147 -6.43 13.96 -7.30
N THR A 148 -6.49 14.52 -6.11
CA THR A 148 -5.93 15.84 -5.86
C THR A 148 -4.56 15.74 -5.19
N ARG A 149 -4.10 14.51 -4.97
CA ARG A 149 -2.81 14.25 -4.32
C ARG A 149 -2.77 14.92 -2.94
N GLN A 150 -3.57 14.39 -2.03
CA GLN A 150 -3.67 14.95 -0.69
C GLN A 150 -2.58 14.40 0.24
N GLY A 151 -1.41 15.04 0.20
CA GLY A 151 -0.28 14.66 1.06
C GLY A 151 0.04 13.18 0.97
N VAL A 152 0.34 12.70 -0.23
CA VAL A 152 0.64 11.29 -0.42
C VAL A 152 2.06 10.96 0.05
N ASP A 153 2.95 11.96 -0.05
CA ASP A 153 4.34 11.80 0.38
C ASP A 153 4.42 11.42 1.85
N ASP A 154 3.48 11.94 2.63
CA ASP A 154 3.41 11.67 4.06
C ASP A 154 3.27 10.19 4.34
N ALA A 155 2.41 9.53 3.58
CA ALA A 155 2.16 8.10 3.74
C ALA A 155 3.31 7.26 3.19
N PHE A 156 4.20 7.90 2.45
CA PHE A 156 5.33 7.20 1.87
C PHE A 156 6.53 7.25 2.82
N TYR A 157 6.80 8.44 3.35
CA TYR A 157 7.94 8.65 4.24
C TYR A 157 7.76 7.89 5.54
N THR A 158 6.52 7.78 6.01
CA THR A 158 6.22 7.09 7.26
C THR A 158 6.65 5.63 7.21
N LEU A 159 6.36 4.96 6.10
CA LEU A 159 6.71 3.55 5.94
C LEU A 159 8.20 3.33 6.10
N VAL A 160 9.00 4.14 5.41
CA VAL A 160 10.45 4.03 5.49
C VAL A 160 10.93 4.31 6.92
N ARG A 161 10.30 5.29 7.56
CA ARG A 161 10.65 5.66 8.93
C ARG A 161 10.32 4.50 9.88
N GLU A 162 9.17 3.87 9.66
CA GLU A 162 8.75 2.74 10.49
C GLU A 162 9.74 1.58 10.36
N ILE A 163 10.16 1.31 9.12
CA ILE A 163 11.11 0.22 8.88
C ILE A 163 12.42 0.47 9.63
N ARG A 164 12.87 1.72 9.60
CA ARG A 164 14.11 2.11 10.28
C ARG A 164 13.99 1.87 11.78
N LYS A 165 12.84 2.23 12.33
CA LYS A 165 12.59 2.05 13.77
C LYS A 165 12.58 0.57 14.12
N HIS A 166 12.04 -0.24 13.24
CA HIS A 166 11.95 -1.68 13.46
C HIS A 166 13.36 -2.30 13.42
N LYS A 167 14.19 -1.78 12.53
CA LYS A 167 15.55 -2.27 12.38
C LYS A 167 16.44 -1.81 13.54
N GLU A 168 16.56 -0.51 13.73
CA GLU A 168 17.39 0.04 14.79
C GLU A 168 16.63 1.09 15.58
C4 Z5I B . 10.41 -8.07 -8.06
C5 Z5I B . 10.26 -6.88 -8.62
C6 Z5I B . 9.33 -6.76 -6.66
C7 Z5I B . 8.68 -6.39 -5.49
C8 Z5I B . 8.53 -7.32 -4.46
C10 Z5I B . 9.69 -8.98 -5.78
O Z5I B . 12.63 -10.09 -11.64
C Z5I B . 12.23 -10.18 -10.45
O2 Z5I B . 12.38 -11.20 -9.74
C2 Z5I B . 11.59 -9.09 -9.90
C3 Z5I B . 11.05 -9.17 -8.62
N Z5I B . 9.61 -6.08 -7.78
C11 Z5I B . 9.83 -8.04 -6.80
C9 Z5I B . 9.04 -8.61 -4.61
H5 Z5I B . 10.54 -6.50 -9.60
H1 Z5I B . 8.30 -5.39 -5.36
H2 Z5I B . 8.02 -7.04 -3.53
H4 Z5I B . 10.09 -9.98 -5.88
H Z5I B . 13.00 -10.17 -12.53
H7 Z5I B . 11.50 -8.17 -10.47
H6 Z5I B . 11.11 -10.10 -8.06
H55 Z5I B . 9.36 -5.13 -7.96
H3 Z5I B . 8.92 -9.34 -3.79
#